data_2F2U
#
_entry.id   2F2U
#
_cell.length_a   102.531
_cell.length_b   102.531
_cell.length_c   257.185
_cell.angle_alpha   90.00
_cell.angle_beta   90.00
_cell.angle_gamma   90.00
#
_symmetry.space_group_name_H-M   'P 41 21 2'
#
loop_
_entity.id
_entity.type
_entity.pdbx_description
1 polymer 'Rho-associated protein kinase 2'
2 non-polymer 5-(1,4-DIAZEPAN-1-SULFONYL)ISOQUINOLINE
3 water water
#
_entity_poly.entity_id   1
_entity_poly.type   'polypeptide(L)'
_entity_poly.pdbx_seq_one_letter_code
;GASGDGAGASRQRKLEALIRDPRSPINVESLLDGLNSLVLDLDFPALRKNKNIDNFLNRYEKIVKKIRGLQMKAEDYDVV
KVIGRGAFGEVQLVRHKASQKVYAMKLLSKFEMIKRSDSAFFWEERDIMAFANSPWVVQLFCAFQDDKYLYMVMEYMPGG
DLVNLMSNYDVPEKWAKFYTAEVVLALDAIHSMGLIHRDVKPDNMLLDKHGHLKLADFGTCMKMDETGMVHCDTAVGTPD
YISPEVLKSQGGDGYYGRECDWWSVGVFLFEMLVGDTPFYADSLVGTYSKIMDHKNSLCFPEDAEISKHAKNLICAFLTD
REVRLGRNGVEEIKQHPFFKNDQWNWDNIRETAAPVVPELSSDIDSSNFDDIEDDKGDVETFPIPKAFVGNQLPFIGFTY
YR
;
_entity_poly.pdbx_strand_id   A,B
#
# COMPACT_ATOMS: atom_id res chain seq x y z
N GLN A 12 -34.62 25.45 32.86
CA GLN A 12 -35.65 24.40 32.50
C GLN A 12 -36.38 24.93 31.26
N ARG A 13 -36.07 26.19 30.94
CA ARG A 13 -36.64 26.97 29.84
C ARG A 13 -35.97 26.66 28.50
N LYS A 14 -34.64 26.69 28.50
CA LYS A 14 -33.83 26.40 27.31
C LYS A 14 -33.91 24.95 26.79
N LEU A 15 -34.26 24.02 27.67
CA LEU A 15 -34.29 22.61 27.26
C LEU A 15 -35.30 22.36 26.17
N GLU A 16 -36.47 22.99 26.22
CA GLU A 16 -37.44 22.80 25.14
C GLU A 16 -36.76 23.18 23.78
N ALA A 17 -35.71 24.02 23.87
CA ALA A 17 -34.92 24.45 22.70
C ALA A 17 -33.88 23.37 22.33
N LEU A 18 -32.88 23.20 23.20
CA LEU A 18 -31.82 22.22 23.02
C LEU A 18 -32.31 20.88 22.46
N ILE A 19 -33.22 20.25 23.16
CA ILE A 19 -33.78 18.97 22.75
C ILE A 19 -34.27 18.95 21.30
N ARG A 20 -34.80 20.09 20.83
CA ARG A 20 -35.35 20.17 19.47
C ARG A 20 -34.40 20.70 18.41
N ASP A 21 -33.31 21.32 18.87
CA ASP A 21 -32.27 21.82 17.98
C ASP A 21 -31.38 20.65 17.45
N PRO A 22 -31.50 20.35 16.13
CA PRO A 22 -30.77 19.28 15.42
C PRO A 22 -29.25 19.34 15.45
N ARG A 23 -28.75 20.54 15.69
CA ARG A 23 -27.32 20.84 15.82
C ARG A 23 -26.76 20.40 17.20
N SER A 24 -27.51 20.61 18.27
CA SER A 24 -27.13 20.22 19.63
C SER A 24 -26.73 18.74 19.80
N PRO A 25 -25.78 18.48 20.71
CA PRO A 25 -25.36 17.08 20.95
C PRO A 25 -26.38 16.36 21.84
N ILE A 26 -27.22 17.11 22.57
CA ILE A 26 -28.20 16.44 23.42
C ILE A 26 -29.62 16.63 22.96
N ASN A 27 -29.86 16.34 21.70
CA ASN A 27 -31.21 16.46 21.22
C ASN A 27 -31.89 15.11 21.43
N VAL A 28 -33.11 14.98 20.93
CA VAL A 28 -33.89 13.79 21.17
C VAL A 28 -33.25 12.53 20.69
N GLU A 29 -32.89 12.54 19.41
CA GLU A 29 -32.29 11.38 18.79
C GLU A 29 -31.02 10.95 19.46
N SER A 30 -30.28 11.90 20.04
CA SER A 30 -29.05 11.55 20.72
C SER A 30 -29.33 10.96 22.10
N LEU A 31 -30.36 11.49 22.76
CA LEU A 31 -30.77 10.99 24.08
C LEU A 31 -31.24 9.55 23.91
N LEU A 32 -32.01 9.28 22.86
CA LEU A 32 -32.41 7.92 22.57
C LEU A 32 -31.23 7.02 22.21
N ASP A 33 -30.24 7.57 21.49
CA ASP A 33 -29.09 6.74 21.12
C ASP A 33 -28.44 6.31 22.42
N GLY A 34 -28.23 7.26 23.33
CA GLY A 34 -27.60 6.94 24.60
C GLY A 34 -28.33 5.82 25.32
N LEU A 35 -29.62 6.02 25.55
CA LEU A 35 -30.41 5.01 26.26
C LEU A 35 -30.48 3.68 25.54
N ASN A 36 -30.24 3.68 24.24
CA ASN A 36 -30.28 2.44 23.47
C ASN A 36 -28.90 1.79 23.45
N SER A 37 -27.86 2.62 23.52
CA SER A 37 -26.48 2.11 23.51
C SER A 37 -26.16 1.55 24.87
N LEU A 38 -26.78 2.13 25.89
CA LEU A 38 -26.57 1.71 27.25
C LEU A 38 -27.16 0.33 27.43
N VAL A 39 -28.41 0.16 27.03
CA VAL A 39 -29.03 -1.13 27.13
C VAL A 39 -28.25 -2.16 26.32
N LEU A 40 -27.84 -1.83 25.10
CA LEU A 40 -27.07 -2.82 24.33
C LEU A 40 -25.80 -3.21 25.02
N ASP A 41 -25.06 -2.24 25.54
CA ASP A 41 -23.78 -2.53 26.18
C ASP A 41 -23.78 -3.13 27.57
N LEU A 42 -24.96 -3.33 28.12
CA LEU A 42 -25.12 -3.85 29.48
C LEU A 42 -25.85 -5.18 29.47
N ASP A 43 -26.59 -5.44 28.40
CA ASP A 43 -27.30 -6.71 28.34
C ASP A 43 -26.42 -7.89 27.85
N PHE A 44 -25.72 -8.49 28.81
CA PHE A 44 -24.89 -9.68 28.62
C PHE A 44 -24.97 -10.63 29.83
N PRO A 45 -24.62 -11.93 29.65
CA PRO A 45 -24.67 -12.90 30.76
C PRO A 45 -23.93 -12.45 32.00
N ALA A 46 -22.62 -12.28 31.84
CA ALA A 46 -21.74 -11.91 32.95
C ALA A 46 -22.13 -10.59 33.59
N LEU A 47 -22.34 -9.57 32.76
CA LEU A 47 -22.70 -8.26 33.26
C LEU A 47 -23.97 -8.25 34.11
N ARG A 48 -24.92 -9.12 33.77
CA ARG A 48 -26.20 -9.18 34.48
C ARG A 48 -26.12 -9.79 35.88
N LYS A 49 -24.96 -10.39 36.20
CA LYS A 49 -24.73 -10.88 37.57
C LYS A 49 -24.77 -9.64 38.52
N ASN A 50 -24.27 -8.48 38.06
CA ASN A 50 -24.35 -7.23 38.83
C ASN A 50 -25.86 -6.90 38.77
N LYS A 51 -26.37 -6.42 39.92
CA LYS A 51 -27.80 -6.16 40.08
C LYS A 51 -28.25 -4.76 39.72
N ASN A 52 -27.40 -3.78 39.99
CA ASN A 52 -27.65 -2.39 39.55
C ASN A 52 -27.97 -2.42 38.04
N ILE A 53 -27.22 -3.26 37.33
CA ILE A 53 -27.36 -3.45 35.90
C ILE A 53 -28.61 -4.24 35.57
N ASP A 54 -28.80 -5.38 36.26
CA ASP A 54 -29.95 -6.25 35.99
C ASP A 54 -31.25 -5.57 36.32
N ASN A 55 -31.26 -4.74 37.35
CA ASN A 55 -32.50 -4.05 37.69
C ASN A 55 -32.89 -3.11 36.55
N PHE A 56 -31.99 -2.19 36.22
CA PHE A 56 -32.17 -1.19 35.17
C PHE A 56 -32.54 -1.88 33.86
N LEU A 57 -31.82 -2.91 33.47
CA LEU A 57 -32.16 -3.66 32.27
C LEU A 57 -33.58 -4.25 32.34
N ASN A 58 -34.17 -4.27 33.53
CA ASN A 58 -35.51 -4.83 33.65
C ASN A 58 -36.49 -3.75 33.34
N ARG A 59 -36.36 -2.63 34.02
CA ARG A 59 -37.27 -1.50 33.83
C ARG A 59 -37.31 -0.95 32.41
N TYR A 60 -36.16 -0.92 31.76
CA TYR A 60 -36.06 -0.30 30.46
C TYR A 60 -35.91 -1.20 29.29
N GLU A 61 -35.57 -2.45 29.52
CA GLU A 61 -35.35 -3.32 28.38
C GLU A 61 -36.56 -3.54 27.50
N LYS A 62 -37.72 -3.63 28.10
CA LYS A 62 -38.93 -3.86 27.31
C LYS A 62 -39.21 -2.65 26.41
N ILE A 63 -39.44 -1.49 27.03
CA ILE A 63 -39.72 -0.23 26.32
C ILE A 63 -38.66 0.12 25.27
N VAL A 64 -37.38 -0.13 25.57
CA VAL A 64 -36.31 0.12 24.60
C VAL A 64 -36.41 -0.78 23.37
N LYS A 65 -36.74 -2.05 23.55
CA LYS A 65 -36.87 -2.96 22.41
C LYS A 65 -38.07 -2.56 21.52
N LYS A 66 -39.06 -1.90 22.09
CA LYS A 66 -40.23 -1.46 21.33
C LYS A 66 -39.87 -0.24 20.44
N ILE A 67 -39.13 0.69 21.04
CA ILE A 67 -38.62 1.92 20.41
C ILE A 67 -37.65 1.55 19.30
N ARG A 68 -36.89 0.49 19.52
CA ARG A 68 -35.97 0.01 18.52
C ARG A 68 -36.79 -0.49 17.30
N GLY A 69 -38.06 -0.81 17.53
CA GLY A 69 -38.89 -1.28 16.44
C GLY A 69 -39.28 -0.16 15.49
N LEU A 70 -39.29 1.07 16.01
CA LEU A 70 -39.69 2.24 15.25
C LEU A 70 -38.50 2.92 14.65
N GLN A 71 -37.36 2.24 14.70
CA GLN A 71 -36.14 2.82 14.21
C GLN A 71 -35.95 2.40 12.77
N MET A 72 -35.39 3.28 11.96
CA MET A 72 -35.09 2.93 10.58
C MET A 72 -34.07 1.76 10.60
N LYS A 73 -34.24 0.85 9.64
CA LYS A 73 -33.47 -0.39 9.58
C LYS A 73 -32.94 -0.67 8.21
N ALA A 74 -31.83 -1.36 8.16
CA ALA A 74 -31.23 -1.75 6.89
C ALA A 74 -32.25 -2.53 6.04
N GLU A 75 -33.12 -3.29 6.69
CA GLU A 75 -34.13 -4.09 5.99
C GLU A 75 -35.16 -3.21 5.28
N ASP A 76 -35.26 -1.95 5.69
CA ASP A 76 -36.15 -1.00 5.03
C ASP A 76 -35.66 -0.69 3.62
N TYR A 77 -34.51 -1.23 3.24
CA TYR A 77 -33.94 -0.96 1.92
C TYR A 77 -33.55 -2.21 1.12
N ASP A 78 -33.69 -2.12 -0.20
CA ASP A 78 -33.24 -3.17 -1.11
C ASP A 78 -31.85 -2.75 -1.59
N VAL A 79 -30.89 -3.68 -1.54
CA VAL A 79 -29.53 -3.42 -2.01
C VAL A 79 -29.46 -3.75 -3.49
N VAL A 80 -29.48 -2.71 -4.31
CA VAL A 80 -29.42 -2.92 -5.73
C VAL A 80 -28.05 -3.40 -6.16
N LYS A 81 -26.99 -2.87 -5.54
CA LYS A 81 -25.60 -3.26 -5.86
C LYS A 81 -24.61 -2.31 -5.22
N VAL A 82 -23.37 -2.78 -5.08
CA VAL A 82 -22.27 -2.04 -4.47
C VAL A 82 -21.62 -1.13 -5.51
N ILE A 83 -21.50 0.15 -5.16
CA ILE A 83 -20.94 1.10 -6.12
C ILE A 83 -19.67 1.79 -5.67
N GLY A 84 -19.34 1.58 -4.39
CA GLY A 84 -18.15 2.19 -3.82
C GLY A 84 -17.65 1.33 -2.69
N ARG A 85 -16.38 1.46 -2.39
CA ARG A 85 -15.82 0.66 -1.31
C ARG A 85 -15.04 1.61 -0.46
N GLY A 86 -15.17 1.43 0.85
CA GLY A 86 -14.50 2.30 1.79
C GLY A 86 -13.58 1.46 2.62
N ALA A 87 -12.88 2.13 3.52
CA ALA A 87 -11.95 1.44 4.38
C ALA A 87 -12.70 0.69 5.49
N PHE A 88 -13.89 1.18 5.84
CA PHE A 88 -14.71 0.62 6.90
C PHE A 88 -16.03 0.04 6.45
N GLY A 89 -16.25 0.06 5.14
CA GLY A 89 -17.47 -0.51 4.59
C GLY A 89 -17.65 -0.21 3.13
N GLU A 90 -18.87 -0.32 2.63
CA GLU A 90 -19.14 -0.01 1.23
C GLU A 90 -20.21 1.06 1.09
N VAL A 91 -20.40 1.49 -0.15
CA VAL A 91 -21.46 2.42 -0.47
C VAL A 91 -22.33 1.61 -1.43
N GLN A 92 -23.57 1.35 -1.01
CA GLN A 92 -24.51 0.58 -1.80
C GLN A 92 -25.54 1.45 -2.50
N LEU A 93 -25.91 1.06 -3.72
CA LEU A 93 -27.00 1.75 -4.40
C LEU A 93 -28.23 1.00 -3.84
N VAL A 94 -29.17 1.74 -3.26
CA VAL A 94 -30.35 1.12 -2.66
C VAL A 94 -31.63 1.83 -2.99
N ARG A 95 -32.73 1.11 -2.81
CA ARG A 95 -34.07 1.64 -3.02
C ARG A 95 -34.82 1.46 -1.71
N HIS A 96 -35.35 2.56 -1.17
CA HIS A 96 -36.14 2.47 0.04
C HIS A 96 -37.43 1.72 -0.39
N LYS A 97 -37.71 0.60 0.27
CA LYS A 97 -38.86 -0.23 -0.08
C LYS A 97 -40.21 0.45 -0.07
N ALA A 98 -40.56 1.15 1.00
CA ALA A 98 -41.86 1.82 1.04
C ALA A 98 -41.99 2.97 0.04
N SER A 99 -41.04 3.90 0.00
CA SER A 99 -41.11 5.06 -0.92
C SER A 99 -40.76 4.74 -2.38
N GLN A 100 -39.90 3.75 -2.58
CA GLN A 100 -39.44 3.34 -3.90
C GLN A 100 -38.35 4.26 -4.45
N LYS A 101 -37.93 5.23 -3.63
CA LYS A 101 -36.87 6.18 -3.98
C LYS A 101 -35.48 5.56 -3.81
N VAL A 102 -34.55 5.96 -4.68
CA VAL A 102 -33.18 5.43 -4.71
C VAL A 102 -32.19 6.34 -3.98
N TYR A 103 -31.17 5.75 -3.37
CA TYR A 103 -30.16 6.53 -2.65
C TYR A 103 -28.85 5.77 -2.61
N ALA A 104 -27.79 6.49 -2.28
CA ALA A 104 -26.51 5.83 -2.08
C ALA A 104 -26.47 5.68 -0.56
N MET A 105 -26.14 4.48 -0.09
CA MET A 105 -26.08 4.30 1.34
C MET A 105 -24.72 3.80 1.73
N LYS A 106 -24.05 4.59 2.56
CA LYS A 106 -22.75 4.21 3.05
C LYS A 106 -22.84 3.45 4.39
N LEU A 107 -22.03 2.40 4.52
CA LEU A 107 -21.98 1.59 5.73
C LEU A 107 -20.62 1.67 6.38
N LEU A 108 -20.59 1.91 7.68
CA LEU A 108 -19.35 1.94 8.42
C LEU A 108 -19.46 0.86 9.50
N SER A 109 -18.55 -0.12 9.47
CA SER A 109 -18.54 -1.21 10.44
C SER A 109 -18.06 -0.75 11.81
N LYS A 110 -18.89 -0.97 12.84
CA LYS A 110 -18.51 -0.54 14.18
C LYS A 110 -17.31 -1.35 14.64
N PHE A 111 -17.31 -2.66 14.35
CA PHE A 111 -16.16 -3.47 14.71
C PHE A 111 -14.84 -3.02 14.03
N GLU A 112 -14.85 -2.77 12.72
CA GLU A 112 -13.64 -2.28 12.08
C GLU A 112 -13.13 -0.94 12.66
N MET A 113 -14.03 -0.04 13.04
CA MET A 113 -13.59 1.25 13.55
C MET A 113 -13.02 1.13 14.95
N ILE A 114 -13.60 0.23 15.73
CA ILE A 114 -13.19 0.03 17.12
C ILE A 114 -11.84 -0.69 17.17
N LYS A 115 -11.77 -1.81 16.44
CA LYS A 115 -10.55 -2.61 16.27
C LYS A 115 -9.44 -1.67 15.79
N ARG A 116 -9.65 -0.93 14.72
CA ARG A 116 -8.63 0.01 14.25
C ARG A 116 -8.47 1.26 15.15
N SER A 117 -9.22 1.34 16.26
CA SER A 117 -9.23 2.55 17.11
C SER A 117 -9.36 3.81 16.22
N ASP A 118 -10.47 3.91 15.48
CA ASP A 118 -10.72 5.06 14.59
C ASP A 118 -12.25 5.16 14.52
N SER A 119 -12.80 5.57 15.66
CA SER A 119 -14.23 5.64 15.88
C SER A 119 -14.72 7.06 16.16
N ALA A 120 -14.07 8.04 15.54
CA ALA A 120 -14.54 9.40 15.69
C ALA A 120 -14.09 10.26 14.53
N PHE A 121 -13.99 9.69 13.34
CA PHE A 121 -13.58 10.46 12.18
C PHE A 121 -14.74 10.96 11.32
N PHE A 122 -15.93 10.40 11.56
CA PHE A 122 -17.13 10.67 10.77
C PHE A 122 -18.00 11.85 11.17
N TRP A 123 -17.77 12.41 12.35
CA TRP A 123 -18.57 13.55 12.80
C TRP A 123 -18.58 14.73 11.85
N GLU A 124 -17.41 15.12 11.38
CA GLU A 124 -17.29 16.25 10.45
C GLU A 124 -18.10 16.05 9.16
N GLU A 125 -18.04 14.84 8.60
CA GLU A 125 -18.74 14.49 7.37
C GLU A 125 -20.26 14.49 7.60
N ARG A 126 -20.67 13.82 8.66
CA ARG A 126 -22.07 13.76 9.03
C ARG A 126 -22.61 15.18 9.15
N ASP A 127 -21.89 16.07 9.82
CA ASP A 127 -22.33 17.45 9.94
C ASP A 127 -22.39 18.20 8.61
N ILE A 128 -21.35 18.11 7.79
CA ILE A 128 -21.32 18.82 6.52
C ILE A 128 -22.41 18.35 5.56
N MET A 129 -22.56 17.04 5.39
CA MET A 129 -23.57 16.52 4.48
C MET A 129 -24.99 16.77 4.98
N ALA A 130 -25.17 16.80 6.29
CA ALA A 130 -26.47 17.07 6.87
C ALA A 130 -26.84 18.54 6.89
N PHE A 131 -25.90 19.42 7.21
CA PHE A 131 -26.24 20.84 7.36
C PHE A 131 -25.67 21.84 6.40
N ALA A 132 -24.78 21.42 5.51
CA ALA A 132 -24.22 22.34 4.52
C ALA A 132 -25.28 23.09 3.73
N ASN A 133 -26.34 22.39 3.34
CA ASN A 133 -27.38 23.00 2.51
C ASN A 133 -26.74 23.78 1.35
N SER A 134 -25.97 23.06 0.52
CA SER A 134 -25.29 23.67 -0.62
C SER A 134 -25.37 22.79 -1.85
N PRO A 135 -25.57 23.40 -3.03
CA PRO A 135 -25.64 22.56 -4.24
C PRO A 135 -24.32 21.85 -4.58
N TRP A 136 -23.26 22.27 -3.89
CA TRP A 136 -21.92 21.69 -4.10
C TRP A 136 -21.62 20.50 -3.17
N VAL A 137 -22.49 20.22 -2.20
CA VAL A 137 -22.28 19.14 -1.25
C VAL A 137 -23.32 18.02 -1.26
N VAL A 138 -22.88 16.78 -1.47
CA VAL A 138 -23.84 15.67 -1.45
C VAL A 138 -24.62 15.77 -0.15
N GLN A 139 -25.92 15.55 -0.29
CA GLN A 139 -26.82 15.72 0.83
C GLN A 139 -27.15 14.50 1.66
N LEU A 140 -27.12 14.62 2.98
CA LEU A 140 -27.47 13.50 3.84
C LEU A 140 -28.94 13.59 4.21
N PHE A 141 -29.73 12.61 3.79
CA PHE A 141 -31.15 12.56 4.13
C PHE A 141 -31.38 12.04 5.54
N CYS A 142 -30.63 11.00 5.91
CA CYS A 142 -30.75 10.49 7.26
C CYS A 142 -29.62 9.53 7.57
N ALA A 143 -29.29 9.48 8.85
CA ALA A 143 -28.26 8.58 9.39
C ALA A 143 -28.90 7.77 10.53
N PHE A 144 -28.62 6.47 10.55
CA PHE A 144 -29.13 5.61 11.60
C PHE A 144 -28.07 4.57 11.95
N GLN A 145 -28.38 3.66 12.86
CA GLN A 145 -27.42 2.63 13.23
C GLN A 145 -28.10 1.43 13.83
N ASP A 146 -27.38 0.31 13.80
CA ASP A 146 -27.83 -0.89 14.47
C ASP A 146 -26.59 -1.35 15.26
N ASP A 147 -26.70 -2.42 16.01
CA ASP A 147 -25.57 -2.84 16.83
C ASP A 147 -24.25 -3.06 16.09
N LYS A 148 -24.34 -3.36 14.80
CA LYS A 148 -23.16 -3.63 13.99
C LYS A 148 -22.63 -2.52 13.09
N TYR A 149 -23.53 -1.77 12.46
CA TYR A 149 -23.13 -0.73 11.54
C TYR A 149 -23.69 0.64 11.78
N LEU A 150 -23.08 1.59 11.08
CA LEU A 150 -23.50 2.97 11.07
C LEU A 150 -24.04 3.13 9.62
N TYR A 151 -25.14 3.84 9.41
CA TYR A 151 -25.63 3.99 8.04
C TYR A 151 -25.82 5.45 7.67
N MET A 152 -25.48 5.82 6.45
CA MET A 152 -25.71 7.17 5.95
C MET A 152 -26.43 7.07 4.60
N VAL A 153 -27.67 7.55 4.58
CA VAL A 153 -28.48 7.56 3.36
C VAL A 153 -28.24 8.91 2.65
N MET A 154 -27.63 8.89 1.48
CA MET A 154 -27.31 10.13 0.79
C MET A 154 -27.93 10.19 -0.57
N GLU A 155 -27.88 11.35 -1.21
CA GLU A 155 -28.41 11.42 -2.55
C GLU A 155 -27.48 10.71 -3.54
N TYR A 156 -28.09 9.88 -4.37
CA TYR A 156 -27.36 9.12 -5.37
C TYR A 156 -26.84 10.03 -6.52
N MET A 157 -25.57 9.86 -6.90
CA MET A 157 -24.95 10.68 -7.94
C MET A 157 -24.65 9.74 -9.11
N PRO A 158 -25.63 9.62 -10.03
CA PRO A 158 -25.52 8.76 -11.20
C PRO A 158 -24.48 9.08 -12.24
N GLY A 159 -23.99 10.31 -12.18
CA GLY A 159 -22.97 10.70 -13.12
C GLY A 159 -21.63 10.01 -12.94
N GLY A 160 -21.39 9.41 -11.78
CA GLY A 160 -20.11 8.75 -11.54
C GLY A 160 -19.06 9.80 -11.17
N ASP A 161 -17.89 9.36 -10.70
CA ASP A 161 -16.84 10.31 -10.34
C ASP A 161 -16.01 10.77 -11.54
N LEU A 162 -15.09 11.68 -11.25
CA LEU A 162 -14.23 12.24 -12.27
C LEU A 162 -13.04 11.37 -12.68
N VAL A 163 -12.70 10.37 -11.88
CA VAL A 163 -11.64 9.43 -12.25
C VAL A 163 -12.21 8.67 -13.47
N ASN A 164 -13.50 8.38 -13.43
CA ASN A 164 -14.19 7.67 -14.51
C ASN A 164 -14.39 8.56 -15.72
N LEU A 165 -14.65 9.84 -15.50
CA LEU A 165 -14.83 10.69 -16.64
C LEU A 165 -13.49 10.91 -17.32
N MET A 166 -12.41 10.95 -16.55
CA MET A 166 -11.13 11.22 -17.18
C MET A 166 -10.61 10.06 -17.97
N SER A 167 -11.05 8.85 -17.63
CA SER A 167 -10.58 7.69 -18.36
C SER A 167 -11.49 7.33 -19.54
N ASN A 168 -12.60 8.02 -19.70
CA ASN A 168 -13.49 7.71 -20.82
C ASN A 168 -13.51 8.75 -21.90
N TYR A 169 -12.94 9.92 -21.62
CA TYR A 169 -12.88 11.00 -22.57
C TYR A 169 -11.51 11.65 -22.59
N ASP A 170 -11.12 12.16 -23.76
CA ASP A 170 -9.90 12.96 -23.79
C ASP A 170 -10.49 14.37 -23.55
N VAL A 171 -10.21 14.91 -22.36
CA VAL A 171 -10.75 16.19 -21.93
C VAL A 171 -10.18 17.46 -22.54
N PRO A 172 -10.98 18.21 -23.31
CA PRO A 172 -10.52 19.46 -23.93
C PRO A 172 -10.55 20.54 -22.87
N GLU A 173 -9.82 21.63 -23.08
CA GLU A 173 -9.75 22.73 -22.12
C GLU A 173 -11.09 23.33 -21.74
N LYS A 174 -12.02 23.35 -22.69
CA LYS A 174 -13.35 23.89 -22.47
C LYS A 174 -13.98 23.16 -21.28
N TRP A 175 -13.84 21.84 -21.25
CA TRP A 175 -14.38 21.05 -20.14
C TRP A 175 -13.56 21.26 -18.87
N ALA A 176 -12.23 21.22 -19.03
CA ALA A 176 -11.35 21.37 -17.89
C ALA A 176 -11.60 22.69 -17.14
N LYS A 177 -11.97 23.75 -17.86
CA LYS A 177 -12.35 25.02 -17.21
C LYS A 177 -13.62 24.81 -16.40
N PHE A 178 -14.60 24.17 -17.01
CA PHE A 178 -15.87 23.95 -16.36
C PHE A 178 -15.72 23.21 -15.04
N TYR A 179 -15.03 22.07 -15.08
CA TYR A 179 -14.87 21.27 -13.88
C TYR A 179 -13.99 21.93 -12.83
N THR A 180 -12.91 22.55 -13.28
CA THR A 180 -12.05 23.23 -12.35
C THR A 180 -12.81 24.36 -11.67
N ALA A 181 -13.61 25.10 -12.44
CA ALA A 181 -14.38 26.20 -11.87
C ALA A 181 -15.38 25.68 -10.84
N GLU A 182 -16.02 24.55 -11.13
CA GLU A 182 -16.98 24.04 -10.15
C GLU A 182 -16.26 23.52 -8.90
N VAL A 183 -15.04 22.99 -9.07
CA VAL A 183 -14.25 22.50 -7.93
C VAL A 183 -13.82 23.66 -7.03
N VAL A 184 -13.46 24.78 -7.65
CA VAL A 184 -13.07 25.95 -6.87
C VAL A 184 -14.28 26.47 -6.09
N LEU A 185 -15.44 26.47 -6.72
CA LEU A 185 -16.64 26.94 -6.06
C LEU A 185 -17.09 26.02 -4.93
N ALA A 186 -16.96 24.72 -5.14
CA ALA A 186 -17.32 23.76 -4.12
C ALA A 186 -16.39 23.92 -2.90
N LEU A 187 -15.09 24.10 -3.13
CA LEU A 187 -14.16 24.26 -2.01
C LEU A 187 -14.36 25.61 -1.32
N ASP A 188 -14.66 26.65 -2.09
CA ASP A 188 -14.90 27.94 -1.45
C ASP A 188 -16.09 27.82 -0.48
N ALA A 189 -17.12 27.07 -0.89
CA ALA A 189 -18.30 26.82 -0.06
C ALA A 189 -17.87 26.12 1.25
N ILE A 190 -17.00 25.10 1.15
CA ILE A 190 -16.51 24.37 2.33
C ILE A 190 -15.69 25.29 3.21
N HIS A 191 -14.82 26.10 2.63
CA HIS A 191 -13.98 27.01 3.40
C HIS A 191 -14.85 28.02 4.14
N SER A 192 -15.84 28.54 3.44
CA SER A 192 -16.68 29.54 4.06
C SER A 192 -17.54 28.92 5.18
N MET A 193 -17.48 27.60 5.35
CA MET A 193 -18.17 26.94 6.46
C MET A 193 -17.18 26.77 7.63
N GLY A 194 -15.95 27.23 7.41
CA GLY A 194 -14.93 27.15 8.44
C GLY A 194 -14.09 25.88 8.38
N LEU A 195 -14.05 25.25 7.23
CA LEU A 195 -13.28 24.02 7.10
C LEU A 195 -12.33 23.97 5.91
N ILE A 196 -11.25 23.21 6.04
CA ILE A 196 -10.36 23.01 4.90
C ILE A 196 -10.53 21.53 4.56
N HIS A 197 -10.61 21.22 3.29
CA HIS A 197 -10.87 19.85 2.89
C HIS A 197 -9.73 18.85 3.09
N ARG A 198 -8.57 19.11 2.51
CA ARG A 198 -7.38 18.25 2.64
C ARG A 198 -7.39 16.89 1.93
N ASP A 199 -8.32 16.65 1.01
CA ASP A 199 -8.37 15.39 0.28
C ASP A 199 -9.09 15.63 -1.05
N VAL A 200 -8.75 16.77 -1.64
CA VAL A 200 -9.30 17.14 -2.92
C VAL A 200 -8.70 16.22 -3.99
N LYS A 201 -9.52 15.41 -4.62
CA LYS A 201 -9.05 14.51 -5.66
C LYS A 201 -10.21 14.02 -6.48
N PRO A 202 -9.95 13.56 -7.69
CA PRO A 202 -10.99 13.08 -8.58
C PRO A 202 -11.93 12.04 -8.01
N ASP A 203 -11.47 11.24 -7.07
CA ASP A 203 -12.32 10.20 -6.50
C ASP A 203 -13.43 10.74 -5.62
N ASN A 204 -13.20 11.89 -5.01
CA ASN A 204 -14.19 12.49 -4.14
C ASN A 204 -15.08 13.45 -4.88
N MET A 205 -14.93 13.56 -6.19
CA MET A 205 -15.78 14.49 -6.96
C MET A 205 -16.83 13.74 -7.73
N LEU A 206 -18.11 13.92 -7.42
CA LEU A 206 -19.12 13.18 -8.17
C LEU A 206 -19.95 14.04 -9.08
N LEU A 207 -20.55 13.45 -10.10
CA LEU A 207 -21.40 14.21 -11.03
C LEU A 207 -22.83 13.74 -10.84
N ASP A 208 -23.76 14.68 -10.80
CA ASP A 208 -25.13 14.29 -10.58
C ASP A 208 -25.84 13.99 -11.89
N LYS A 209 -27.16 13.85 -11.80
CA LYS A 209 -28.03 13.57 -12.92
C LYS A 209 -27.82 14.53 -14.09
N HIS A 210 -27.57 15.81 -13.82
CA HIS A 210 -27.37 16.83 -14.86
C HIS A 210 -25.94 16.97 -15.33
N GLY A 211 -25.01 16.30 -14.67
CA GLY A 211 -23.61 16.41 -15.07
C GLY A 211 -22.80 17.46 -14.30
N HIS A 212 -23.43 18.02 -13.26
CA HIS A 212 -22.76 19.02 -12.44
C HIS A 212 -22.11 18.38 -11.23
N LEU A 213 -21.10 19.07 -10.74
CA LEU A 213 -20.30 18.54 -9.65
C LEU A 213 -20.72 18.76 -8.22
N LYS A 214 -20.31 17.83 -7.36
CA LYS A 214 -20.57 17.87 -5.93
C LYS A 214 -19.43 17.12 -5.24
N LEU A 215 -19.06 17.54 -4.03
CA LEU A 215 -18.04 16.84 -3.27
C LEU A 215 -18.81 15.80 -2.44
N ALA A 216 -18.28 14.59 -2.38
CA ALA A 216 -18.97 13.49 -1.73
C ALA A 216 -18.17 12.80 -0.65
N ASP A 217 -17.16 13.47 -0.12
CA ASP A 217 -16.38 12.84 0.92
C ASP A 217 -15.74 13.91 1.76
N PHE A 218 -15.81 13.80 3.08
CA PHE A 218 -15.26 14.86 3.95
C PHE A 218 -14.59 14.24 5.15
N GLY A 219 -14.08 13.03 4.97
CA GLY A 219 -13.42 12.28 6.02
C GLY A 219 -12.19 12.93 6.59
N THR A 220 -11.56 13.85 5.86
CA THR A 220 -10.39 14.50 6.41
C THR A 220 -10.55 16.01 6.61
N CYS A 221 -11.79 16.50 6.65
CA CYS A 221 -11.98 17.94 6.85
C CYS A 221 -11.58 18.36 8.25
N MET A 222 -11.24 19.63 8.42
CA MET A 222 -10.84 20.12 9.73
C MET A 222 -11.31 21.57 9.94
N LYS A 223 -11.82 21.88 11.15
CA LYS A 223 -12.24 23.26 11.48
C LYS A 223 -11.05 24.23 11.53
N MET A 224 -11.19 25.34 10.83
CA MET A 224 -10.17 26.36 10.81
C MET A 224 -10.11 27.18 12.11
N ASP A 225 -9.01 27.91 12.26
CA ASP A 225 -8.71 28.84 13.37
C ASP A 225 -9.63 30.01 13.26
N GLU A 226 -9.23 31.04 13.99
CA GLU A 226 -9.86 32.33 13.98
C GLU A 226 -9.08 33.06 12.88
N THR A 227 -7.99 32.45 12.41
CA THR A 227 -7.20 33.06 11.35
C THR A 227 -7.40 32.26 10.06
N GLY A 228 -8.15 31.17 10.15
CA GLY A 228 -8.43 30.35 8.97
C GLY A 228 -7.41 29.25 8.77
N MET A 229 -6.69 28.91 9.84
CA MET A 229 -5.61 27.93 9.82
C MET A 229 -5.77 26.76 10.77
N VAL A 230 -4.98 25.71 10.57
CA VAL A 230 -5.09 24.59 11.48
C VAL A 230 -3.69 24.17 11.94
N HIS A 231 -3.60 23.57 13.14
CA HIS A 231 -2.32 23.06 13.60
C HIS A 231 -2.53 21.57 13.47
N CYS A 232 -1.68 20.92 12.70
CA CYS A 232 -1.78 19.49 12.53
C CYS A 232 -0.44 18.86 12.16
N ASP A 233 -0.18 17.69 12.74
CA ASP A 233 1.08 17.00 12.55
C ASP A 233 0.95 15.67 11.82
N THR A 234 -0.13 15.49 11.09
CA THR A 234 -0.39 14.25 10.35
C THR A 234 -0.64 14.56 8.89
N ALA A 235 0.13 13.93 8.00
CA ALA A 235 -0.05 14.14 6.57
C ALA A 235 -1.28 13.34 6.12
N VAL A 236 -2.26 13.99 5.51
CA VAL A 236 -3.47 13.29 5.10
C VAL A 236 -3.73 13.49 3.62
N GLY A 237 -4.52 12.60 3.02
CA GLY A 237 -4.82 12.76 1.61
C GLY A 237 -4.10 11.73 0.79
N THR A 238 -4.55 11.55 -0.44
CA THR A 238 -3.89 10.58 -1.29
C THR A 238 -2.55 11.16 -1.78
N PRO A 239 -1.48 10.34 -1.72
CA PRO A 239 -0.13 10.73 -2.13
C PRO A 239 0.00 11.66 -3.31
N ASP A 240 -0.66 11.34 -4.42
CA ASP A 240 -0.54 12.21 -5.59
C ASP A 240 -0.99 13.64 -5.37
N TYR A 241 -1.88 13.86 -4.42
CA TYR A 241 -2.44 15.15 -4.17
C TYR A 241 -2.01 15.85 -2.91
N ILE A 242 -1.22 15.20 -2.06
CA ILE A 242 -0.76 15.87 -0.83
C ILE A 242 0.13 17.06 -1.23
N SER A 243 -0.16 18.22 -0.65
CA SER A 243 0.61 19.45 -0.90
C SER A 243 1.91 19.37 -0.08
N PRO A 244 2.92 20.17 -0.47
CA PRO A 244 4.16 20.09 0.33
C PRO A 244 4.03 20.52 1.79
N GLU A 245 3.17 21.48 2.11
CA GLU A 245 3.05 21.89 3.50
C GLU A 245 2.36 20.82 4.36
N VAL A 246 1.44 20.06 3.77
CA VAL A 246 0.75 19.02 4.53
C VAL A 246 1.71 17.85 4.69
N LEU A 247 2.52 17.59 3.68
CA LEU A 247 3.49 16.51 3.75
C LEU A 247 4.51 16.82 4.84
N LYS A 248 5.07 18.03 4.82
CA LYS A 248 6.04 18.43 5.83
C LYS A 248 5.52 18.52 7.25
N SER A 249 4.22 18.75 7.41
CA SER A 249 3.66 18.85 8.74
C SER A 249 3.80 17.51 9.48
N GLN A 250 4.01 16.42 8.73
CA GLN A 250 4.19 15.07 9.30
C GLN A 250 5.45 15.03 10.17
N GLY A 251 6.38 15.93 9.87
CA GLY A 251 7.61 16.04 10.65
C GLY A 251 7.47 16.91 11.91
N GLY A 252 6.26 17.38 12.20
CA GLY A 252 6.06 18.22 13.37
C GLY A 252 5.67 19.66 13.06
N ASP A 253 4.95 20.25 14.01
CA ASP A 253 4.43 21.60 13.96
C ASP A 253 3.95 22.18 12.62
N GLY A 254 2.96 21.49 12.02
CA GLY A 254 2.36 21.99 10.82
C GLY A 254 1.37 23.10 11.19
N TYR A 255 1.38 24.18 10.42
CA TYR A 255 0.44 25.26 10.64
C TYR A 255 0.10 25.74 9.22
N TYR A 256 -1.11 25.49 8.74
CA TYR A 256 -1.45 25.93 7.37
C TYR A 256 -2.93 26.18 7.16
N GLY A 257 -3.26 26.84 6.06
CA GLY A 257 -4.64 27.13 5.78
C GLY A 257 -5.14 26.45 4.54
N ARG A 258 -6.20 27.04 4.01
CA ARG A 258 -6.90 26.52 2.85
C ARG A 258 -6.05 26.43 1.59
N GLU A 259 -4.89 27.06 1.60
CA GLU A 259 -4.01 27.00 0.44
C GLU A 259 -3.67 25.56 0.06
N CYS A 260 -3.75 24.63 1.01
CA CYS A 260 -3.46 23.25 0.67
C CYS A 260 -4.49 22.64 -0.31
N ASP A 261 -5.72 23.14 -0.28
CA ASP A 261 -6.73 22.66 -1.22
C ASP A 261 -6.42 23.24 -2.63
N TRP A 262 -5.98 24.48 -2.68
CA TRP A 262 -5.63 25.08 -3.96
C TRP A 262 -4.51 24.31 -4.69
N TRP A 263 -3.56 23.76 -3.94
CA TRP A 263 -2.48 22.96 -4.52
C TRP A 263 -3.09 21.76 -5.22
N SER A 264 -3.99 21.06 -4.52
CA SER A 264 -4.62 19.89 -5.10
C SER A 264 -5.37 20.23 -6.38
N VAL A 265 -5.98 21.41 -6.47
CA VAL A 265 -6.68 21.81 -7.71
C VAL A 265 -5.66 21.79 -8.87
N GLY A 266 -4.46 22.32 -8.62
CA GLY A 266 -3.41 22.29 -9.62
C GLY A 266 -3.08 20.87 -10.04
N VAL A 267 -2.93 19.93 -9.11
CA VAL A 267 -2.65 18.55 -9.46
C VAL A 267 -3.79 18.00 -10.33
N PHE A 268 -5.03 18.33 -9.96
CA PHE A 268 -6.22 17.89 -10.67
C PHE A 268 -6.27 18.39 -12.10
N LEU A 269 -6.03 19.69 -12.24
CA LEU A 269 -6.06 20.33 -13.55
C LEU A 269 -4.97 19.74 -14.47
N PHE A 270 -3.81 19.47 -13.88
CA PHE A 270 -2.69 18.90 -14.62
C PHE A 270 -3.11 17.53 -15.11
N GLU A 271 -3.48 16.66 -14.16
CA GLU A 271 -3.92 15.32 -14.49
C GLU A 271 -5.02 15.27 -15.58
N MET A 272 -6.00 16.15 -15.48
CA MET A 272 -7.07 16.21 -16.47
C MET A 272 -6.57 16.67 -17.86
N LEU A 273 -5.61 17.57 -17.91
CA LEU A 273 -5.15 17.99 -19.23
C LEU A 273 -3.95 17.20 -19.76
N VAL A 274 -3.11 16.69 -18.88
CA VAL A 274 -1.92 15.93 -19.32
C VAL A 274 -2.18 14.44 -19.38
N GLY A 275 -3.13 13.96 -18.59
CA GLY A 275 -3.42 12.53 -18.64
C GLY A 275 -2.71 11.72 -17.59
N ASP A 276 -1.82 12.35 -16.83
CA ASP A 276 -1.09 11.72 -15.73
C ASP A 276 -0.93 12.72 -14.60
N THR A 277 -0.72 12.22 -13.38
CA THR A 277 -0.53 13.12 -12.25
C THR A 277 0.89 13.63 -12.35
N PRO A 278 1.08 14.91 -12.05
CA PRO A 278 2.40 15.55 -12.11
C PRO A 278 3.54 14.95 -11.27
N PHE A 279 3.21 14.27 -10.19
CA PHE A 279 4.25 13.70 -9.33
C PHE A 279 4.17 12.21 -9.22
N TYR A 280 3.70 11.60 -10.31
CA TYR A 280 3.60 10.15 -10.43
C TYR A 280 4.96 9.47 -10.22
N ALA A 281 4.96 8.33 -9.55
CA ALA A 281 6.18 7.56 -9.30
C ALA A 281 5.71 6.13 -9.08
N ASP A 282 6.58 5.15 -9.31
CA ASP A 282 6.16 3.76 -9.10
C ASP A 282 5.96 3.34 -7.65
N SER A 283 6.48 4.12 -6.70
CA SER A 283 6.27 3.79 -5.30
C SER A 283 5.61 5.01 -4.67
N LEU A 284 5.05 4.85 -3.47
CA LEU A 284 4.45 5.98 -2.76
C LEU A 284 5.57 6.90 -2.29
N VAL A 285 6.62 6.32 -1.73
CA VAL A 285 7.77 7.11 -1.26
C VAL A 285 8.40 7.88 -2.43
N GLY A 286 8.30 7.33 -3.64
CA GLY A 286 8.82 8.02 -4.80
C GLY A 286 8.08 9.32 -5.01
N THR A 287 6.75 9.25 -4.85
CA THR A 287 5.88 10.40 -5.03
C THR A 287 6.08 11.45 -3.95
N TYR A 288 6.26 11.04 -2.70
CA TYR A 288 6.49 12.00 -1.62
C TYR A 288 7.74 12.80 -1.97
N SER A 289 8.77 12.09 -2.42
CA SER A 289 10.02 12.72 -2.80
C SER A 289 9.85 13.71 -3.93
N LYS A 290 9.09 13.36 -4.96
CA LYS A 290 8.88 14.33 -6.02
C LYS A 290 8.23 15.60 -5.48
N ILE A 291 7.21 15.42 -4.66
CA ILE A 291 6.48 16.53 -4.08
C ILE A 291 7.41 17.44 -3.30
N MET A 292 8.24 16.88 -2.42
CA MET A 292 9.20 17.69 -1.65
C MET A 292 10.14 18.42 -2.60
N ASP A 293 10.35 17.83 -3.78
CA ASP A 293 11.26 18.43 -4.74
C ASP A 293 10.52 18.95 -5.98
N HIS A 294 9.31 19.47 -5.76
CA HIS A 294 8.47 19.95 -6.84
C HIS A 294 9.13 21.00 -7.71
N LYS A 295 9.95 21.87 -7.13
CA LYS A 295 10.67 22.86 -7.94
C LYS A 295 11.41 22.20 -9.11
N ASN A 296 11.91 20.98 -8.93
CA ASN A 296 12.64 20.33 -10.00
C ASN A 296 11.83 19.24 -10.66
N SER A 297 11.00 18.56 -9.88
CA SER A 297 10.25 17.43 -10.41
C SER A 297 9.07 17.74 -11.32
N LEU A 298 8.46 18.91 -11.14
CA LEU A 298 7.37 19.23 -12.03
C LEU A 298 7.87 19.53 -13.42
N CYS A 299 7.31 18.83 -14.38
CA CYS A 299 7.60 19.15 -15.76
C CYS A 299 6.52 18.62 -16.68
N PHE A 300 6.27 19.34 -17.76
CA PHE A 300 5.26 18.98 -18.74
C PHE A 300 5.80 18.15 -19.90
N PRO A 301 5.03 17.12 -20.36
CA PRO A 301 5.46 16.27 -21.49
C PRO A 301 5.56 17.07 -22.79
N GLU A 302 6.57 16.73 -23.59
CA GLU A 302 6.91 17.37 -24.86
C GLU A 302 5.75 17.42 -25.84
N ASP A 303 5.05 16.29 -25.95
CA ASP A 303 3.94 16.16 -26.90
C ASP A 303 2.59 16.59 -26.38
N ALA A 304 2.54 16.98 -25.12
CA ALA A 304 1.31 17.40 -24.48
C ALA A 304 1.02 18.79 -24.99
N GLU A 305 -0.18 19.00 -25.49
CA GLU A 305 -0.50 20.29 -26.04
C GLU A 305 -1.36 21.05 -25.06
N ILE A 306 -0.80 22.05 -24.37
CA ILE A 306 -1.56 22.80 -23.38
C ILE A 306 -1.49 24.26 -23.63
N SER A 307 -2.61 24.96 -23.48
CA SER A 307 -2.60 26.39 -23.70
C SER A 307 -1.66 27.16 -22.75
N LYS A 308 -1.33 28.37 -23.17
CA LYS A 308 -0.49 29.26 -22.39
C LYS A 308 -1.10 29.48 -20.98
N HIS A 309 -2.37 29.89 -20.94
CA HIS A 309 -3.08 30.14 -19.70
C HIS A 309 -3.27 28.91 -18.83
N ALA A 310 -3.53 27.77 -19.46
CA ALA A 310 -3.73 26.55 -18.73
C ALA A 310 -2.46 26.18 -17.99
N LYS A 311 -1.33 26.23 -18.70
CA LYS A 311 -0.03 25.89 -18.14
C LYS A 311 0.33 26.90 -17.07
N ASN A 312 -0.09 28.15 -17.30
CA ASN A 312 0.18 29.20 -16.33
C ASN A 312 -0.53 28.96 -15.00
N LEU A 313 -1.82 28.62 -15.07
CA LEU A 313 -2.62 28.33 -13.86
C LEU A 313 -2.05 27.13 -13.13
N ILE A 314 -1.75 26.05 -13.84
CA ILE A 314 -1.18 24.87 -13.22
C ILE A 314 0.09 25.27 -12.45
N CYS A 315 1.00 26.02 -13.07
CA CYS A 315 2.24 26.41 -12.39
C CYS A 315 2.02 27.37 -11.25
N ALA A 316 0.99 28.22 -11.35
CA ALA A 316 0.73 29.13 -10.25
C ALA A 316 0.18 28.40 -9.00
N PHE A 317 -0.47 27.25 -9.18
CA PHE A 317 -0.98 26.51 -8.03
C PHE A 317 0.13 25.64 -7.46
N LEU A 318 0.86 25.00 -8.38
CA LEU A 318 1.94 24.10 -8.02
C LEU A 318 3.27 24.79 -7.67
N THR A 319 3.27 25.52 -6.55
CA THR A 319 4.46 26.23 -6.05
C THR A 319 4.35 26.21 -4.53
N ASP A 320 5.34 26.75 -3.83
CA ASP A 320 5.25 26.80 -2.37
C ASP A 320 4.18 27.77 -1.99
N ARG A 321 3.54 27.49 -0.87
CA ARG A 321 2.44 28.31 -0.39
C ARG A 321 2.66 29.80 -0.47
N GLU A 322 3.82 30.26 -0.01
CA GLU A 322 4.12 31.67 0.00
C GLU A 322 3.98 32.42 -1.30
N VAL A 323 3.99 31.73 -2.43
CA VAL A 323 3.82 32.45 -3.67
C VAL A 323 2.74 31.82 -4.53
N ARG A 324 1.92 30.95 -3.92
CA ARG A 324 0.90 30.21 -4.64
C ARG A 324 -0.32 31.01 -4.97
N LEU A 325 -0.93 30.79 -6.13
CA LEU A 325 -2.15 31.51 -6.47
C LEU A 325 -3.22 31.18 -5.39
N GLY A 326 -3.88 32.24 -4.90
CA GLY A 326 -4.89 32.08 -3.86
C GLY A 326 -4.36 32.56 -2.51
N ARG A 327 -3.07 32.91 -2.41
CA ARG A 327 -2.51 33.38 -1.14
C ARG A 327 -3.12 34.74 -0.65
N ASN A 328 -3.77 35.47 -1.56
CA ASN A 328 -4.44 36.75 -1.24
C ASN A 328 -5.96 36.57 -1.38
N GLY A 329 -6.46 35.33 -1.31
CA GLY A 329 -7.89 35.07 -1.46
C GLY A 329 -8.29 34.44 -2.78
N VAL A 330 -9.44 33.78 -2.74
CA VAL A 330 -9.98 33.08 -3.89
C VAL A 330 -10.24 33.99 -5.08
N GLU A 331 -10.40 35.29 -4.85
CA GLU A 331 -10.68 36.25 -5.93
C GLU A 331 -9.59 36.19 -6.98
N GLU A 332 -8.33 36.02 -6.58
CA GLU A 332 -7.32 35.98 -7.62
C GLU A 332 -7.33 34.72 -8.45
N ILE A 333 -7.95 33.67 -7.94
CA ILE A 333 -8.07 32.42 -8.68
C ILE A 333 -9.17 32.60 -9.71
N LYS A 334 -10.30 33.17 -9.31
CA LYS A 334 -11.41 33.33 -10.23
C LYS A 334 -11.14 34.27 -11.39
N GLN A 335 -10.30 35.26 -11.18
CA GLN A 335 -10.00 36.17 -12.27
C GLN A 335 -8.84 35.71 -13.19
N HIS A 336 -8.26 34.53 -12.91
CA HIS A 336 -7.22 34.05 -13.80
C HIS A 336 -7.81 33.94 -15.22
N PRO A 337 -7.03 34.36 -16.22
CA PRO A 337 -7.42 34.33 -17.63
C PRO A 337 -7.81 32.98 -18.19
N PHE A 338 -7.38 31.93 -17.52
CA PHE A 338 -7.72 30.59 -18.02
C PHE A 338 -9.23 30.35 -17.94
N PHE A 339 -9.88 31.04 -17.02
CA PHE A 339 -11.30 30.87 -16.80
C PHE A 339 -12.13 31.75 -17.68
N LYS A 340 -11.50 32.60 -18.47
CA LYS A 340 -12.23 33.48 -19.37
C LYS A 340 -13.02 32.66 -20.41
N ASN A 341 -14.33 32.90 -20.54
CA ASN A 341 -15.13 32.12 -21.49
C ASN A 341 -16.50 32.71 -21.80
N ASP A 342 -17.17 32.15 -22.80
CA ASP A 342 -18.50 32.64 -23.18
C ASP A 342 -19.72 31.83 -22.71
N GLN A 343 -19.53 30.76 -21.96
CA GLN A 343 -20.69 29.95 -21.58
C GLN A 343 -21.22 30.25 -20.20
N TRP A 344 -20.33 30.56 -19.27
CA TRP A 344 -20.74 30.77 -17.90
C TRP A 344 -19.86 31.80 -17.20
N ASN A 345 -20.37 32.27 -16.05
CA ASN A 345 -19.67 33.20 -15.17
C ASN A 345 -19.71 32.51 -13.80
N TRP A 346 -19.03 33.09 -12.81
CA TRP A 346 -18.95 32.48 -11.48
C TRP A 346 -20.24 32.46 -10.71
N ASP A 347 -21.22 33.21 -11.16
CA ASP A 347 -22.50 33.22 -10.47
C ASP A 347 -23.49 32.18 -11.01
N ASN A 348 -23.42 31.87 -12.30
CA ASN A 348 -24.37 30.94 -12.87
C ASN A 348 -23.83 29.63 -13.44
N ILE A 349 -22.55 29.30 -13.22
CA ILE A 349 -22.04 28.08 -13.82
C ILE A 349 -22.90 26.82 -13.60
N ARG A 350 -23.40 26.61 -12.38
CA ARG A 350 -24.25 25.44 -12.06
C ARG A 350 -25.60 25.38 -12.75
N GLU A 351 -25.99 26.42 -13.46
CA GLU A 351 -27.26 26.34 -14.17
C GLU A 351 -27.09 26.48 -15.65
N THR A 352 -25.89 26.13 -16.12
CA THR A 352 -25.57 26.15 -17.54
C THR A 352 -25.30 24.69 -17.94
N ALA A 353 -25.37 24.43 -19.24
CA ALA A 353 -25.21 23.07 -19.72
C ALA A 353 -23.91 22.46 -19.32
N ALA A 354 -23.95 21.31 -18.67
CA ALA A 354 -22.74 20.61 -18.29
C ALA A 354 -22.11 20.01 -19.56
N PRO A 355 -20.78 19.80 -19.55
CA PRO A 355 -20.06 19.22 -20.70
C PRO A 355 -20.52 17.82 -21.03
N VAL A 356 -20.66 16.98 -19.99
CA VAL A 356 -21.06 15.60 -20.13
C VAL A 356 -22.35 15.36 -19.38
N VAL A 357 -23.45 15.37 -20.12
CA VAL A 357 -24.78 15.12 -19.58
C VAL A 357 -24.94 13.61 -19.59
N PRO A 358 -25.21 13.02 -18.42
CA PRO A 358 -25.39 11.57 -18.26
C PRO A 358 -26.53 11.04 -19.12
N GLU A 359 -26.38 9.85 -19.69
CA GLU A 359 -27.49 9.24 -20.44
C GLU A 359 -27.90 7.97 -19.70
N LEU A 360 -28.92 8.11 -18.86
CA LEU A 360 -29.35 7.04 -18.00
C LEU A 360 -30.58 6.34 -18.51
N SER A 361 -30.67 5.04 -18.26
CA SER A 361 -31.84 4.31 -18.72
C SER A 361 -32.82 4.01 -17.60
N SER A 362 -32.44 4.29 -16.35
CA SER A 362 -33.34 4.07 -15.22
C SER A 362 -32.77 4.69 -13.95
N ASP A 363 -33.61 4.71 -12.91
CA ASP A 363 -33.26 5.27 -11.61
C ASP A 363 -32.18 4.45 -10.89
N ILE A 364 -31.83 3.29 -11.45
CA ILE A 364 -30.76 2.49 -10.86
C ILE A 364 -29.61 2.23 -11.85
N ASP A 365 -29.57 2.99 -12.93
CA ASP A 365 -28.48 2.88 -13.89
C ASP A 365 -27.14 3.28 -13.19
N SER A 366 -26.25 2.31 -13.00
CA SER A 366 -24.96 2.59 -12.37
C SER A 366 -23.83 2.24 -13.33
N SER A 367 -24.05 2.53 -14.62
CA SER A 367 -23.05 2.24 -15.64
C SER A 367 -21.83 3.14 -15.51
N ASN A 368 -21.95 4.25 -14.80
CA ASN A 368 -20.80 5.13 -14.65
C ASN A 368 -19.96 4.76 -13.44
N PHE A 369 -20.24 3.60 -12.87
CA PHE A 369 -19.48 3.11 -11.74
C PHE A 369 -18.91 1.71 -12.07
N ASP A 370 -17.60 1.54 -11.89
CA ASP A 370 -16.97 0.23 -12.13
C ASP A 370 -17.60 -0.79 -11.19
N ASP A 371 -17.55 -2.06 -11.55
CA ASP A 371 -18.09 -3.09 -10.65
C ASP A 371 -17.16 -3.29 -9.46
N ILE A 372 -17.68 -3.90 -8.40
CA ILE A 372 -16.89 -4.21 -7.23
C ILE A 372 -17.13 -5.67 -6.76
N GLU A 373 -16.07 -6.35 -6.31
CA GLU A 373 -16.15 -7.72 -5.78
C GLU A 373 -16.23 -7.71 -4.24
N VAL A 379 -18.07 -9.39 8.23
CA VAL A 379 -18.74 -10.34 9.09
C VAL A 379 -17.84 -10.82 10.23
N GLU A 380 -17.72 -9.99 11.28
CA GLU A 380 -16.93 -10.31 12.48
C GLU A 380 -17.56 -9.70 13.74
N THR A 381 -18.27 -10.52 14.51
CA THR A 381 -18.93 -10.04 15.74
C THR A 381 -17.96 -9.69 16.85
N PHE A 382 -18.40 -8.79 17.74
CA PHE A 382 -17.60 -8.46 18.93
C PHE A 382 -17.63 -9.68 19.87
N PRO A 383 -16.49 -9.97 20.52
CA PRO A 383 -16.37 -11.09 21.48
C PRO A 383 -17.33 -10.73 22.66
N ILE A 384 -18.33 -11.58 22.98
CA ILE A 384 -19.24 -11.29 24.09
C ILE A 384 -18.35 -10.82 25.25
N PRO A 385 -18.65 -9.62 25.79
CA PRO A 385 -17.83 -9.08 26.87
C PRO A 385 -17.92 -9.71 28.24
N LYS A 386 -16.80 -9.62 28.97
CA LYS A 386 -16.74 -10.14 30.34
C LYS A 386 -17.36 -9.06 31.22
N ALA A 387 -16.66 -7.93 31.35
CA ALA A 387 -17.16 -6.78 32.09
C ALA A 387 -17.46 -5.70 31.04
N PHE A 388 -18.12 -4.64 31.47
CA PHE A 388 -18.47 -3.53 30.59
C PHE A 388 -17.27 -2.95 29.84
N VAL A 389 -17.39 -2.81 28.51
CA VAL A 389 -16.32 -2.25 27.66
C VAL A 389 -16.82 -1.03 26.88
N GLY A 390 -18.14 -0.93 26.76
CA GLY A 390 -18.77 0.20 26.10
C GLY A 390 -18.45 0.40 24.64
N ASN A 391 -18.81 -0.56 23.81
CA ASN A 391 -18.49 -0.44 22.39
C ASN A 391 -19.47 0.36 21.56
N GLN A 392 -20.64 0.66 22.11
CA GLN A 392 -21.64 1.45 21.39
C GLN A 392 -21.53 2.93 21.78
N LEU A 393 -20.69 3.25 22.75
CA LEU A 393 -20.53 4.64 23.21
C LEU A 393 -20.03 5.64 22.20
N PRO A 394 -19.06 5.24 21.37
CA PRO A 394 -18.56 6.23 20.41
C PRO A 394 -19.57 6.70 19.36
N PHE A 395 -20.65 5.96 19.18
CA PHE A 395 -21.65 6.29 18.16
C PHE A 395 -22.95 6.91 18.67
N ILE A 396 -22.93 7.34 19.92
CA ILE A 396 -24.10 7.97 20.53
C ILE A 396 -24.15 9.34 19.89
N GLY A 397 -25.24 9.66 19.22
CA GLY A 397 -25.36 10.96 18.60
C GLY A 397 -25.24 10.92 17.09
N PHE A 398 -25.06 9.72 16.56
CA PHE A 398 -24.95 9.57 15.12
C PHE A 398 -26.30 9.70 14.39
N THR A 399 -27.35 9.16 15.01
CA THR A 399 -28.68 9.15 14.41
C THR A 399 -29.12 10.53 13.96
N TYR A 400 -29.68 10.61 12.77
CA TYR A 400 -30.16 11.89 12.28
C TYR A 400 -31.26 11.73 11.22
N TYR A 401 -32.36 12.46 11.38
CA TYR A 401 -33.47 12.45 10.41
C TYR A 401 -33.86 13.90 10.05
N ARG A 402 -33.95 14.20 8.75
CA ARG A 402 -34.36 15.55 8.34
C ARG A 402 -35.80 15.85 8.79
N GLN B 12 35.29 -25.78 -33.86
CA GLN B 12 34.02 -26.51 -33.53
C GLN B 12 34.24 -27.64 -32.52
N ARG B 13 35.49 -27.90 -32.18
CA ARG B 13 35.78 -28.91 -31.17
C ARG B 13 35.45 -28.33 -29.75
N LYS B 14 35.86 -27.07 -29.54
CA LYS B 14 35.68 -26.30 -28.30
C LYS B 14 34.21 -26.21 -27.85
N LEU B 15 33.53 -25.15 -28.30
CA LEU B 15 32.11 -24.85 -28.01
C LEU B 15 31.17 -26.00 -27.67
N GLU B 16 31.40 -27.18 -28.23
CA GLU B 16 30.62 -28.36 -27.84
C GLU B 16 30.66 -28.42 -26.29
N ALA B 17 31.62 -27.68 -25.72
CA ALA B 17 31.85 -27.56 -24.28
C ALA B 17 30.83 -26.59 -23.67
N LEU B 18 30.67 -25.41 -24.27
CA LEU B 18 29.68 -24.44 -23.78
C LEU B 18 28.34 -25.11 -23.44
N ILE B 19 27.82 -25.93 -24.34
CA ILE B 19 26.56 -26.64 -24.07
C ILE B 19 26.62 -27.46 -22.77
N ARG B 20 27.83 -27.79 -22.32
CA ARG B 20 28.00 -28.59 -21.10
C ARG B 20 28.06 -27.70 -19.85
N ASP B 21 28.63 -26.51 -20.01
CA ASP B 21 28.77 -25.57 -18.90
C ASP B 21 27.42 -25.10 -18.34
N PRO B 22 27.17 -25.37 -17.03
CA PRO B 22 25.93 -25.00 -16.32
C PRO B 22 25.73 -23.51 -16.17
N ARG B 23 26.81 -22.73 -16.23
CA ARG B 23 26.68 -21.28 -16.18
C ARG B 23 26.48 -20.65 -17.58
N SER B 24 26.44 -21.48 -18.61
CA SER B 24 26.25 -21.02 -19.98
C SER B 24 24.81 -20.81 -20.40
N PRO B 25 24.55 -19.74 -21.17
CA PRO B 25 23.22 -19.38 -21.67
C PRO B 25 22.63 -20.45 -22.60
N ILE B 26 23.48 -21.17 -23.33
CA ILE B 26 22.94 -22.18 -24.23
C ILE B 26 23.19 -23.63 -23.91
N ASN B 27 23.19 -24.01 -22.64
CA ASN B 27 23.39 -25.43 -22.33
C ASN B 27 22.13 -26.23 -22.68
N VAL B 28 22.15 -27.52 -22.38
CA VAL B 28 21.04 -28.40 -22.72
C VAL B 28 19.65 -27.98 -22.18
N GLU B 29 19.61 -27.54 -20.93
CA GLU B 29 18.35 -27.13 -20.34
C GLU B 29 17.73 -25.95 -21.04
N SER B 30 18.58 -25.00 -21.41
CA SER B 30 18.16 -23.80 -22.12
C SER B 30 17.62 -24.12 -23.47
N LEU B 31 18.36 -24.93 -24.19
CA LEU B 31 17.96 -25.32 -25.53
C LEU B 31 16.60 -26.01 -25.45
N LEU B 32 16.44 -26.93 -24.49
CA LEU B 32 15.16 -27.59 -24.34
C LEU B 32 14.06 -26.60 -23.95
N ASP B 33 14.37 -25.62 -23.10
CA ASP B 33 13.37 -24.61 -22.71
C ASP B 33 12.95 -23.90 -24.01
N GLY B 34 13.94 -23.69 -24.87
CA GLY B 34 13.70 -23.01 -26.14
C GLY B 34 12.67 -23.74 -26.96
N LEU B 35 12.85 -25.04 -27.10
CA LEU B 35 11.93 -25.83 -27.90
C LEU B 35 10.56 -25.88 -27.29
N ASN B 36 10.53 -26.12 -25.99
CA ASN B 36 9.29 -26.18 -25.26
C ASN B 36 8.51 -24.87 -25.30
N SER B 37 9.21 -23.74 -25.16
CA SER B 37 8.54 -22.44 -25.20
C SER B 37 8.03 -22.14 -26.59
N LEU B 38 8.73 -22.63 -27.60
CA LEU B 38 8.30 -22.36 -28.96
C LEU B 38 7.04 -23.14 -29.26
N VAL B 39 7.00 -24.42 -28.91
CA VAL B 39 5.80 -25.20 -29.14
C VAL B 39 4.62 -24.63 -28.32
N LEU B 40 4.85 -24.24 -27.06
CA LEU B 40 3.78 -23.70 -26.22
C LEU B 40 3.20 -22.43 -26.79
N ASP B 41 4.07 -21.63 -27.38
CA ASP B 41 3.66 -20.34 -27.93
C ASP B 41 3.10 -20.39 -29.35
N LEU B 42 3.19 -21.53 -30.02
CA LEU B 42 2.69 -21.63 -31.37
C LEU B 42 1.44 -22.49 -31.47
N ASP B 43 1.27 -23.42 -30.55
CA ASP B 43 0.13 -24.31 -30.62
C ASP B 43 -1.19 -23.68 -30.22
N PHE B 44 -1.75 -22.94 -31.17
CA PHE B 44 -3.02 -22.25 -31.01
C PHE B 44 -3.66 -22.23 -32.38
N PRO B 45 -5.01 -22.31 -32.44
CA PRO B 45 -5.82 -22.32 -33.66
C PRO B 45 -5.48 -21.18 -34.66
N ALA B 46 -5.50 -19.93 -34.19
CA ALA B 46 -5.18 -18.77 -35.04
C ALA B 46 -3.80 -18.87 -35.68
N LEU B 47 -2.78 -19.19 -34.86
CA LEU B 47 -1.39 -19.33 -35.29
C LEU B 47 -1.13 -20.53 -36.22
N ARG B 48 -1.80 -21.65 -35.98
CA ARG B 48 -1.62 -22.86 -36.81
C ARG B 48 -2.24 -22.82 -38.21
N LYS B 49 -2.85 -21.70 -38.57
CA LYS B 49 -3.40 -21.54 -39.93
C LYS B 49 -2.19 -21.42 -40.88
N ASN B 50 -1.15 -20.74 -40.41
CA ASN B 50 0.13 -20.58 -41.11
C ASN B 50 0.75 -22.00 -41.22
N LYS B 51 1.08 -22.42 -42.44
CA LYS B 51 1.60 -23.77 -42.73
C LYS B 51 3.00 -24.09 -42.18
N ASN B 52 3.81 -23.05 -41.99
CA ASN B 52 5.16 -23.20 -41.44
C ASN B 52 5.02 -23.63 -39.99
N ILE B 53 4.22 -22.86 -39.27
CA ILE B 53 3.95 -23.08 -37.88
C ILE B 53 3.29 -24.42 -37.69
N ASP B 54 2.39 -24.78 -38.59
CA ASP B 54 1.66 -26.02 -38.46
C ASP B 54 2.49 -27.24 -38.75
N ASN B 55 3.33 -27.14 -39.77
CA ASN B 55 4.17 -28.27 -40.11
C ASN B 55 5.23 -28.42 -39.04
N PHE B 56 5.74 -27.30 -38.52
CA PHE B 56 6.72 -27.38 -37.43
C PHE B 56 6.12 -28.13 -36.24
N LEU B 57 4.93 -27.71 -35.80
CA LEU B 57 4.25 -28.36 -34.68
C LEU B 57 4.02 -29.83 -34.94
N ASN B 58 3.60 -30.19 -36.16
CA ASN B 58 3.38 -31.59 -36.48
C ASN B 58 4.62 -32.42 -36.31
N ARG B 59 5.80 -31.84 -36.53
CA ARG B 59 7.02 -32.61 -36.37
C ARG B 59 7.52 -32.71 -34.94
N TYR B 60 7.17 -31.75 -34.10
CA TYR B 60 7.71 -31.74 -32.75
C TYR B 60 6.77 -31.91 -31.59
N GLU B 61 5.49 -31.60 -31.74
CA GLU B 61 4.56 -31.72 -30.62
C GLU B 61 4.65 -33.00 -29.79
N LYS B 62 4.39 -34.11 -30.45
CA LYS B 62 4.41 -35.40 -29.81
C LYS B 62 5.70 -35.61 -29.00
N ILE B 63 6.86 -35.33 -29.60
CA ILE B 63 8.15 -35.55 -28.90
C ILE B 63 8.42 -34.55 -27.78
N VAL B 64 7.97 -33.31 -27.96
CA VAL B 64 8.15 -32.30 -26.93
C VAL B 64 7.33 -32.64 -25.70
N LYS B 65 6.25 -33.38 -25.89
CA LYS B 65 5.41 -33.79 -24.79
C LYS B 65 6.05 -35.00 -24.12
N LYS B 66 6.58 -35.92 -24.92
CA LYS B 66 7.23 -37.10 -24.35
C LYS B 66 8.27 -36.68 -23.32
N ILE B 67 9.10 -35.70 -23.68
CA ILE B 67 10.16 -35.11 -22.85
C ILE B 67 9.64 -34.35 -21.63
N ARG B 68 8.59 -33.59 -21.87
CA ARG B 68 7.98 -32.76 -20.84
C ARG B 68 7.60 -33.65 -19.66
N GLY B 69 7.00 -34.80 -19.96
CA GLY B 69 6.62 -35.73 -18.90
C GLY B 69 7.84 -36.32 -18.19
N LEU B 70 8.96 -36.42 -18.90
CA LEU B 70 10.18 -37.01 -18.37
C LEU B 70 11.14 -36.09 -17.64
N GLN B 71 10.84 -34.80 -17.54
CA GLN B 71 11.77 -33.93 -16.82
C GLN B 71 11.18 -33.42 -15.52
N MET B 72 12.03 -32.85 -14.68
CA MET B 72 11.60 -32.39 -13.35
C MET B 72 10.29 -31.65 -13.40
N LYS B 73 9.36 -31.99 -12.50
CA LYS B 73 8.05 -31.34 -12.50
C LYS B 73 7.41 -31.26 -11.12
N ALA B 74 6.46 -30.35 -10.97
CA ALA B 74 5.79 -30.11 -9.70
C ALA B 74 5.32 -31.36 -9.03
N GLU B 75 4.95 -32.34 -9.87
CA GLU B 75 4.45 -33.65 -9.44
C GLU B 75 5.42 -34.51 -8.67
N ASP B 76 6.71 -34.22 -8.80
CA ASP B 76 7.70 -35.01 -8.09
C ASP B 76 7.80 -34.63 -6.61
N TYR B 77 7.09 -33.59 -6.18
CA TYR B 77 7.14 -33.13 -4.79
C TYR B 77 5.79 -33.15 -4.13
N ASP B 78 5.76 -33.41 -2.83
CA ASP B 78 4.53 -33.34 -2.07
C ASP B 78 4.54 -32.00 -1.36
N VAL B 79 3.41 -31.30 -1.38
CA VAL B 79 3.37 -30.03 -0.67
C VAL B 79 2.99 -30.31 0.77
N VAL B 80 3.89 -29.95 1.68
CA VAL B 80 3.62 -30.15 3.09
C VAL B 80 2.84 -28.96 3.63
N LYS B 81 3.30 -27.75 3.35
CA LYS B 81 2.55 -26.57 3.79
C LYS B 81 3.24 -25.31 3.30
N VAL B 82 2.51 -24.21 3.31
CA VAL B 82 3.06 -22.95 2.85
C VAL B 82 3.79 -22.34 4.04
N ILE B 83 5.03 -21.94 3.83
CA ILE B 83 5.80 -21.33 4.90
C ILE B 83 6.17 -19.87 4.54
N GLY B 84 5.85 -19.43 3.34
CA GLY B 84 6.17 -18.06 3.00
C GLY B 84 5.25 -17.61 1.92
N ARG B 85 4.83 -16.36 1.98
CA ARG B 85 3.99 -15.84 0.94
C ARG B 85 4.12 -14.34 0.96
N GLY B 86 4.58 -13.75 -0.14
CA GLY B 86 4.57 -12.29 -0.19
C GLY B 86 4.97 -11.67 -1.52
N ALA B 87 5.69 -10.55 -1.37
CA ALA B 87 6.27 -9.83 -2.50
C ALA B 87 7.34 -10.77 -3.10
N PHE B 88 8.00 -11.56 -2.24
CA PHE B 88 9.06 -12.48 -2.65
C PHE B 88 8.55 -13.85 -3.20
N GLY B 89 7.26 -13.93 -3.53
CA GLY B 89 6.65 -15.16 -4.04
C GLY B 89 5.99 -16.05 -2.99
N GLU B 90 5.34 -17.13 -3.45
CA GLU B 90 4.73 -18.16 -2.59
C GLU B 90 5.75 -19.34 -2.34
N VAL B 91 6.16 -19.55 -1.08
CA VAL B 91 7.15 -20.58 -0.71
C VAL B 91 6.51 -21.76 0.07
N GLN B 92 6.76 -22.98 -0.39
CA GLN B 92 6.19 -24.18 0.18
C GLN B 92 7.24 -25.12 0.75
N LEU B 93 6.91 -25.75 1.87
CA LEU B 93 7.76 -26.78 2.48
C LEU B 93 7.37 -28.04 1.67
N VAL B 94 8.32 -28.66 0.97
CA VAL B 94 8.02 -29.85 0.17
C VAL B 94 8.96 -31.02 0.41
N ARG B 95 8.54 -32.18 -0.06
CA ARG B 95 9.34 -33.38 0.05
C ARG B 95 9.44 -34.01 -1.31
N HIS B 96 10.66 -34.13 -1.80
CA HIS B 96 10.87 -34.82 -3.03
C HIS B 96 10.34 -36.25 -2.80
N LYS B 97 9.44 -36.72 -3.68
CA LYS B 97 8.89 -38.07 -3.53
C LYS B 97 9.88 -39.22 -3.73
N ALA B 98 10.74 -39.17 -4.75
CA ALA B 98 11.66 -40.28 -4.94
C ALA B 98 12.67 -40.33 -3.79
N SER B 99 13.47 -39.28 -3.62
CA SER B 99 14.50 -39.23 -2.57
C SER B 99 14.03 -39.04 -1.12
N GLN B 100 12.83 -38.52 -0.95
CA GLN B 100 12.25 -38.23 0.38
C GLN B 100 12.94 -37.09 1.15
N LYS B 101 13.79 -36.34 0.47
CA LYS B 101 14.47 -35.24 1.12
C LYS B 101 13.55 -34.01 1.15
N VAL B 102 13.75 -33.14 2.15
CA VAL B 102 12.93 -31.94 2.34
C VAL B 102 13.58 -30.67 1.83
N TYR B 103 12.79 -29.87 1.14
CA TYR B 103 13.26 -28.61 0.58
C TYR B 103 12.21 -27.51 0.75
N ALA B 104 12.65 -26.30 0.41
CA ALA B 104 11.78 -25.14 0.40
C ALA B 104 11.64 -24.79 -1.08
N MET B 105 10.41 -24.70 -1.61
CA MET B 105 10.18 -24.40 -3.03
C MET B 105 9.42 -23.08 -3.25
N LYS B 106 9.98 -22.18 -4.05
CA LYS B 106 9.33 -20.89 -4.35
C LYS B 106 8.61 -21.00 -5.69
N LEU B 107 7.39 -20.49 -5.75
CA LEU B 107 6.59 -20.47 -6.99
C LEU B 107 6.38 -19.03 -7.40
N LEU B 108 6.64 -18.74 -8.68
CA LEU B 108 6.49 -17.40 -9.24
C LEU B 108 5.53 -17.53 -10.40
N SER B 109 4.39 -16.87 -10.34
CA SER B 109 3.43 -17.00 -11.42
C SER B 109 3.92 -16.30 -12.65
N LYS B 110 3.82 -16.97 -13.78
CA LYS B 110 4.27 -16.39 -15.02
C LYS B 110 3.32 -15.29 -15.46
N PHE B 111 2.00 -15.56 -15.44
CA PHE B 111 1.01 -14.56 -15.87
C PHE B 111 1.09 -13.30 -15.03
N GLU B 112 1.43 -13.46 -13.76
CA GLU B 112 1.60 -12.36 -12.84
C GLU B 112 2.86 -11.56 -13.10
N MET B 113 3.87 -12.17 -13.67
CA MET B 113 5.06 -11.40 -13.90
C MET B 113 4.99 -10.81 -15.27
N ILE B 114 3.93 -11.17 -15.99
CA ILE B 114 3.73 -10.65 -17.34
C ILE B 114 2.71 -9.52 -17.22
N LYS B 115 1.56 -9.79 -16.60
CA LYS B 115 0.52 -8.75 -16.33
C LYS B 115 1.22 -7.60 -15.58
N ARG B 116 1.78 -7.90 -14.41
CA ARG B 116 2.47 -6.88 -13.65
C ARG B 116 3.75 -6.48 -14.43
N SER B 117 4.03 -7.16 -15.53
CA SER B 117 5.22 -6.84 -16.33
C SER B 117 6.51 -6.64 -15.48
N ASP B 118 6.65 -7.55 -14.50
CA ASP B 118 7.82 -7.66 -13.65
C ASP B 118 8.41 -9.08 -14.01
N SER B 119 9.18 -9.16 -15.10
CA SER B 119 9.79 -10.43 -15.56
C SER B 119 11.34 -10.33 -15.77
N ALA B 120 12.09 -10.07 -14.72
CA ALA B 120 13.54 -9.97 -14.88
C ALA B 120 14.28 -10.07 -13.55
N PHE B 121 13.52 -9.88 -12.47
CA PHE B 121 14.00 -9.89 -11.09
C PHE B 121 14.40 -11.29 -10.65
N PHE B 122 13.68 -12.29 -11.18
CA PHE B 122 13.95 -13.68 -10.87
C PHE B 122 15.25 -14.20 -11.45
N TRP B 123 15.87 -13.49 -12.38
CA TRP B 123 17.17 -13.96 -12.92
C TRP B 123 18.32 -13.83 -11.95
N GLU B 124 18.39 -12.72 -11.22
CA GLU B 124 19.45 -12.51 -10.25
C GLU B 124 19.24 -13.44 -9.08
N GLU B 125 17.98 -13.68 -8.73
CA GLU B 125 17.65 -14.55 -7.64
C GLU B 125 18.13 -15.95 -7.99
N ARG B 126 17.73 -16.48 -9.14
CA ARG B 126 18.22 -17.81 -9.49
C ARG B 126 19.74 -17.85 -9.64
N ASP B 127 20.33 -16.89 -10.34
CA ASP B 127 21.76 -16.90 -10.53
C ASP B 127 22.53 -16.77 -9.23
N ILE B 128 22.05 -15.99 -8.28
CA ILE B 128 22.76 -15.87 -7.02
C ILE B 128 22.65 -17.18 -6.23
N MET B 129 21.45 -17.75 -6.16
CA MET B 129 21.23 -18.99 -5.43
C MET B 129 21.84 -20.18 -6.13
N ALA B 130 22.08 -20.04 -7.41
CA ALA B 130 22.65 -21.15 -8.10
C ALA B 130 24.17 -21.11 -8.10
N PHE B 131 24.77 -19.93 -8.18
CA PHE B 131 26.23 -19.87 -8.31
C PHE B 131 27.00 -19.07 -7.26
N ALA B 132 26.33 -18.52 -6.26
CA ALA B 132 27.07 -17.76 -5.25
C ALA B 132 28.09 -18.68 -4.63
N ASN B 133 27.71 -19.93 -4.44
CA ASN B 133 28.56 -20.93 -3.82
C ASN B 133 29.17 -20.39 -2.51
N SER B 134 28.31 -19.94 -1.61
CA SER B 134 28.78 -19.35 -0.37
C SER B 134 27.94 -19.80 0.80
N PRO B 135 28.55 -20.01 1.96
CA PRO B 135 27.76 -20.45 3.12
C PRO B 135 26.71 -19.46 3.58
N TRP B 136 26.83 -18.21 3.15
CA TRP B 136 25.92 -17.15 3.56
C TRP B 136 24.71 -17.01 2.65
N VAL B 137 24.68 -17.75 1.55
CA VAL B 137 23.58 -17.65 0.60
C VAL B 137 22.76 -18.94 0.44
N VAL B 138 21.43 -18.86 0.61
CA VAL B 138 20.60 -20.07 0.45
C VAL B 138 20.93 -20.65 -0.91
N GLN B 139 21.18 -21.95 -0.98
CA GLN B 139 21.50 -22.50 -2.28
C GLN B 139 20.29 -23.10 -3.02
N LEU B 140 20.40 -23.09 -4.33
CA LEU B 140 19.37 -23.59 -5.22
C LEU B 140 19.76 -24.99 -5.71
N PHE B 141 18.91 -25.99 -5.51
CA PHE B 141 19.23 -27.34 -5.98
C PHE B 141 18.81 -27.54 -7.43
N CYS B 142 17.70 -26.93 -7.80
CA CYS B 142 17.27 -26.95 -9.18
C CYS B 142 16.10 -26.01 -9.38
N ALA B 143 15.90 -25.59 -10.62
CA ALA B 143 14.79 -24.73 -11.00
C ALA B 143 14.18 -25.35 -12.26
N PHE B 144 12.87 -25.34 -12.33
CA PHE B 144 12.18 -25.86 -13.49
C PHE B 144 10.95 -25.01 -13.69
N GLN B 145 10.13 -25.36 -14.67
CA GLN B 145 8.97 -24.56 -14.99
C GLN B 145 7.92 -25.30 -15.77
N ASP B 146 6.72 -24.74 -15.80
CA ASP B 146 5.64 -25.29 -16.60
C ASP B 146 4.95 -24.08 -17.20
N ASP B 147 3.86 -24.28 -17.91
CA ASP B 147 3.22 -23.17 -18.59
C ASP B 147 2.71 -22.09 -17.67
N LYS B 148 2.55 -22.38 -16.39
CA LYS B 148 2.05 -21.37 -15.46
C LYS B 148 3.03 -20.82 -14.46
N TYR B 149 3.99 -21.63 -14.07
CA TYR B 149 4.94 -21.23 -13.04
C TYR B 149 6.41 -21.48 -13.27
N LEU B 150 7.20 -20.74 -12.49
CA LEU B 150 8.64 -20.90 -12.40
C LEU B 150 8.78 -21.52 -11.00
N TYR B 151 9.66 -22.51 -10.85
CA TYR B 151 9.89 -23.15 -9.56
C TYR B 151 11.37 -23.11 -9.19
N MET B 152 11.63 -22.90 -7.91
CA MET B 152 13.01 -22.88 -7.42
C MET B 152 13.02 -23.71 -6.17
N VAL B 153 13.73 -24.83 -6.22
CA VAL B 153 13.85 -25.75 -5.09
C VAL B 153 15.14 -25.35 -4.35
N MET B 154 14.96 -24.85 -3.12
CA MET B 154 16.06 -24.34 -2.29
C MET B 154 16.28 -25.12 -1.01
N GLU B 155 17.46 -25.03 -0.40
CA GLU B 155 17.64 -25.77 0.85
C GLU B 155 16.74 -25.13 1.91
N TYR B 156 16.13 -25.99 2.70
CA TYR B 156 15.22 -25.57 3.74
C TYR B 156 15.96 -25.04 4.98
N MET B 157 15.58 -23.84 5.44
CA MET B 157 16.18 -23.20 6.61
C MET B 157 15.21 -23.39 7.78
N PRO B 158 15.36 -24.51 8.50
CA PRO B 158 14.47 -24.81 9.62
C PRO B 158 14.51 -23.88 10.82
N GLY B 159 15.51 -23.02 10.88
CA GLY B 159 15.59 -22.09 12.00
C GLY B 159 14.63 -20.90 11.92
N GLY B 160 14.06 -20.63 10.75
CA GLY B 160 13.14 -19.51 10.61
C GLY B 160 13.90 -18.21 10.38
N ASP B 161 13.17 -17.09 10.27
CA ASP B 161 13.82 -15.81 10.02
C ASP B 161 14.05 -15.04 11.31
N LEU B 162 14.76 -13.91 11.24
CA LEU B 162 15.03 -13.18 12.46
C LEU B 162 13.87 -12.40 13.04
N VAL B 163 12.80 -12.25 12.26
CA VAL B 163 11.61 -11.63 12.81
C VAL B 163 11.11 -12.58 13.90
N ASN B 164 11.05 -13.86 13.56
CA ASN B 164 10.63 -14.86 14.53
C ASN B 164 11.57 -14.91 15.76
N LEU B 165 12.89 -14.90 15.56
CA LEU B 165 13.80 -14.93 16.71
C LEU B 165 13.59 -13.73 17.62
N MET B 166 13.55 -12.53 17.06
CA MET B 166 13.37 -11.34 17.87
C MET B 166 12.05 -11.34 18.61
N SER B 167 11.07 -12.09 18.13
CA SER B 167 9.79 -12.05 18.85
C SER B 167 9.66 -13.12 19.92
N ASN B 168 10.61 -14.04 19.97
CA ASN B 168 10.61 -15.08 21.00
C ASN B 168 11.74 -14.91 21.97
N TYR B 169 12.61 -13.91 21.77
CA TYR B 169 13.70 -13.72 22.71
C TYR B 169 14.05 -12.27 22.93
N ASP B 170 14.71 -12.01 24.05
CA ASP B 170 15.20 -10.67 24.37
C ASP B 170 16.64 -10.85 24.01
N VAL B 171 17.01 -10.25 22.88
CA VAL B 171 18.33 -10.42 22.35
C VAL B 171 19.34 -9.64 23.11
N PRO B 172 20.27 -10.32 23.85
CA PRO B 172 21.29 -9.56 24.58
C PRO B 172 22.33 -9.09 23.58
N GLU B 173 23.16 -8.17 24.00
CA GLU B 173 24.16 -7.62 23.12
C GLU B 173 25.11 -8.65 22.52
N LYS B 174 25.34 -9.75 23.22
CA LYS B 174 26.25 -10.81 22.79
C LYS B 174 25.69 -11.57 21.58
N TRP B 175 24.37 -11.62 21.48
CA TRP B 175 23.69 -12.26 20.34
C TRP B 175 23.66 -11.30 19.14
N ALA B 176 23.27 -10.05 19.40
CA ALA B 176 23.19 -9.01 18.37
C ALA B 176 24.54 -8.88 17.68
N LYS B 177 25.60 -9.01 18.47
CA LYS B 177 26.95 -8.94 17.95
C LYS B 177 27.17 -10.13 16.97
N PHE B 178 26.65 -11.30 17.34
CA PHE B 178 26.75 -12.49 16.50
C PHE B 178 26.02 -12.31 15.16
N TYR B 179 24.73 -11.96 15.20
CA TYR B 179 23.93 -11.82 13.99
C TYR B 179 24.39 -10.73 13.09
N THR B 180 24.80 -9.62 13.70
CA THR B 180 25.30 -8.48 12.94
C THR B 180 26.58 -8.85 12.19
N ALA B 181 27.50 -9.53 12.86
CA ALA B 181 28.71 -9.93 12.16
C ALA B 181 28.39 -10.89 11.01
N GLU B 182 27.41 -11.77 11.20
CA GLU B 182 27.07 -12.69 10.13
C GLU B 182 26.39 -11.99 8.95
N VAL B 183 25.55 -11.02 9.27
CA VAL B 183 24.89 -10.28 8.21
C VAL B 183 25.95 -9.50 7.44
N VAL B 184 26.92 -8.93 8.16
CA VAL B 184 27.97 -8.19 7.50
C VAL B 184 28.76 -9.08 6.54
N LEU B 185 29.05 -10.31 6.94
CA LEU B 185 29.82 -11.21 6.07
C LEU B 185 28.97 -11.69 4.90
N ALA B 186 27.69 -11.92 5.16
CA ALA B 186 26.79 -12.36 4.12
C ALA B 186 26.68 -11.24 3.07
N LEU B 187 26.50 -9.99 3.52
CA LEU B 187 26.40 -8.90 2.55
C LEU B 187 27.70 -8.71 1.79
N ASP B 188 28.84 -8.84 2.45
CA ASP B 188 30.09 -8.70 1.73
C ASP B 188 30.20 -9.77 0.63
N ALA B 189 29.67 -10.98 0.93
CA ALA B 189 29.68 -12.07 -0.05
C ALA B 189 28.87 -11.65 -1.26
N ILE B 190 27.74 -10.99 -1.05
CA ILE B 190 26.93 -10.54 -2.16
C ILE B 190 27.51 -9.30 -2.86
N HIS B 191 28.19 -8.44 -2.12
CA HIS B 191 28.78 -7.25 -2.73
C HIS B 191 29.98 -7.66 -3.58
N SER B 192 30.71 -8.66 -3.12
CA SER B 192 31.85 -9.17 -3.86
C SER B 192 31.46 -9.70 -5.21
N MET B 193 30.18 -10.02 -5.39
CA MET B 193 29.70 -10.50 -6.67
C MET B 193 29.24 -9.33 -7.54
N GLY B 194 29.44 -8.09 -7.06
CA GLY B 194 29.03 -6.91 -7.81
C GLY B 194 27.56 -6.58 -7.63
N LEU B 195 26.94 -7.10 -6.57
CA LEU B 195 25.52 -6.87 -6.37
C LEU B 195 25.14 -6.19 -5.07
N ILE B 196 24.11 -5.38 -5.13
CA ILE B 196 23.59 -4.70 -3.94
C ILE B 196 22.31 -5.48 -3.62
N HIS B 197 22.03 -5.72 -2.35
CA HIS B 197 20.83 -6.47 -2.01
C HIS B 197 19.57 -5.57 -2.11
N ARG B 198 19.65 -4.40 -1.49
CA ARG B 198 18.57 -3.42 -1.53
C ARG B 198 17.31 -3.77 -0.79
N ASP B 199 17.37 -4.78 0.06
CA ASP B 199 16.17 -5.13 0.80
C ASP B 199 16.57 -5.87 2.05
N VAL B 200 17.66 -5.45 2.67
CA VAL B 200 18.11 -6.11 3.86
C VAL B 200 17.16 -5.83 5.05
N LYS B 201 16.52 -6.87 5.56
CA LYS B 201 15.66 -6.75 6.75
C LYS B 201 15.56 -8.14 7.37
N PRO B 202 15.24 -8.21 8.68
CA PRO B 202 15.11 -9.47 9.42
C PRO B 202 14.28 -10.51 8.68
N ASP B 203 13.28 -10.07 7.94
CA ASP B 203 12.42 -10.97 7.18
C ASP B 203 13.18 -11.80 6.18
N ASN B 204 14.29 -11.27 5.67
CA ASN B 204 15.10 -11.97 4.67
C ASN B 204 16.35 -12.66 5.18
N MET B 205 16.45 -12.81 6.51
CA MET B 205 17.61 -13.44 7.14
C MET B 205 17.09 -14.69 7.77
N LEU B 206 17.58 -15.82 7.29
CA LEU B 206 17.12 -17.10 7.77
C LEU B 206 18.22 -17.83 8.52
N LEU B 207 17.81 -18.69 9.44
CA LEU B 207 18.74 -19.48 10.24
C LEU B 207 18.73 -20.94 9.78
N ASP B 208 19.91 -21.54 9.63
CA ASP B 208 19.97 -22.94 9.20
C ASP B 208 19.79 -23.88 10.41
N LYS B 209 19.97 -25.20 10.18
CA LYS B 209 19.78 -26.19 11.25
C LYS B 209 20.70 -26.05 12.43
N HIS B 210 21.79 -25.32 12.24
CA HIS B 210 22.74 -25.09 13.32
C HIS B 210 22.60 -23.67 13.88
N GLY B 211 21.62 -22.90 13.41
CA GLY B 211 21.48 -21.53 13.91
C GLY B 211 22.25 -20.42 13.21
N HIS B 212 22.98 -20.72 12.15
CA HIS B 212 23.74 -19.69 11.47
C HIS B 212 22.93 -19.08 10.34
N LEU B 213 23.18 -17.82 10.09
CA LEU B 213 22.43 -17.10 9.10
C LEU B 213 22.78 -17.30 7.64
N LYS B 214 21.75 -17.22 6.81
CA LYS B 214 21.90 -17.23 5.36
C LYS B 214 20.92 -16.17 4.84
N LEU B 215 21.31 -15.46 3.78
CA LEU B 215 20.40 -14.51 3.17
C LEU B 215 19.52 -15.22 2.15
N ALA B 216 18.30 -14.73 2.01
CA ALA B 216 17.37 -15.27 1.04
C ALA B 216 16.66 -14.07 0.38
N ASP B 217 15.83 -14.32 -0.64
CA ASP B 217 15.11 -13.27 -1.35
C ASP B 217 16.00 -12.20 -1.91
N PHE B 218 16.45 -12.48 -3.12
CA PHE B 218 17.34 -11.59 -3.85
C PHE B 218 16.59 -10.93 -5.03
N GLY B 219 15.28 -10.77 -4.87
CA GLY B 219 14.43 -10.21 -5.92
C GLY B 219 14.64 -8.77 -6.26
N THR B 220 15.31 -8.04 -5.38
CA THR B 220 15.55 -6.63 -5.66
C THR B 220 17.03 -6.36 -5.94
N CYS B 221 17.87 -7.39 -6.00
CA CYS B 221 19.31 -7.25 -6.28
C CYS B 221 19.60 -6.53 -7.58
N MET B 222 20.60 -5.65 -7.55
CA MET B 222 20.96 -4.90 -8.75
C MET B 222 22.45 -4.87 -8.88
N LYS B 223 22.92 -4.77 -10.11
CA LYS B 223 24.34 -4.76 -10.39
C LYS B 223 25.01 -3.38 -10.27
N MET B 224 26.21 -3.33 -9.67
CA MET B 224 26.97 -2.07 -9.54
C MET B 224 28.03 -2.03 -10.67
N ASP B 225 28.54 -0.86 -11.00
CA ASP B 225 29.61 -0.80 -12.00
C ASP B 225 30.77 -0.02 -11.39
N GLU B 226 31.66 0.51 -12.22
CA GLU B 226 32.82 1.26 -11.71
C GLU B 226 32.51 2.45 -10.83
N THR B 227 31.33 3.05 -11.00
CA THR B 227 30.94 4.20 -10.20
C THR B 227 30.56 3.71 -8.79
N GLY B 228 30.37 2.39 -8.66
CA GLY B 228 30.00 1.75 -7.39
C GLY B 228 28.49 1.83 -7.16
N MET B 229 27.79 2.42 -8.11
CA MET B 229 26.36 2.59 -7.99
C MET B 229 25.56 1.74 -8.95
N VAL B 230 24.24 1.68 -8.71
CA VAL B 230 23.32 0.95 -9.57
C VAL B 230 22.70 1.97 -10.52
N HIS B 231 22.01 1.50 -11.55
CA HIS B 231 21.37 2.40 -12.51
C HIS B 231 19.95 1.88 -12.80
N CYS B 232 19.48 0.96 -11.94
CA CYS B 232 18.11 0.42 -12.04
C CYS B 232 17.19 1.02 -11.00
N ASP B 233 15.91 1.04 -11.37
CA ASP B 233 14.81 1.56 -10.58
C ASP B 233 13.88 0.46 -10.07
N THR B 234 14.06 -0.05 -8.86
CA THR B 234 13.12 -1.05 -8.35
C THR B 234 12.33 -0.41 -7.23
N ALA B 235 11.01 -0.35 -7.39
CA ALA B 235 10.15 0.23 -6.37
C ALA B 235 10.40 -0.26 -4.96
N VAL B 236 10.32 0.70 -4.05
CA VAL B 236 10.44 0.45 -2.65
C VAL B 236 9.01 0.26 -2.12
N GLY B 237 8.79 -0.70 -1.24
CA GLY B 237 7.49 -0.90 -0.63
C GLY B 237 7.55 -0.42 0.84
N THR B 238 7.62 -1.32 1.81
CA THR B 238 7.70 -0.86 3.19
C THR B 238 9.03 -0.12 3.29
N PRO B 239 9.04 1.12 3.79
CA PRO B 239 10.34 1.79 3.84
C PRO B 239 11.11 1.71 5.16
N ASP B 240 10.69 0.88 6.12
CA ASP B 240 11.37 0.87 7.42
C ASP B 240 12.88 0.72 7.44
N TYR B 241 13.40 -0.11 6.56
CA TYR B 241 14.82 -0.38 6.47
C TYR B 241 15.52 0.31 5.30
N ILE B 242 14.80 1.16 4.57
CA ILE B 242 15.32 1.90 3.42
C ILE B 242 15.93 3.25 3.82
N SER B 243 17.14 3.46 3.32
CA SER B 243 17.94 4.63 3.60
C SER B 243 17.45 5.86 2.86
N PRO B 244 17.83 7.03 3.37
CA PRO B 244 17.48 8.34 2.83
C PRO B 244 17.78 8.52 1.36
N GLU B 245 18.98 8.11 0.93
CA GLU B 245 19.35 8.28 -0.47
C GLU B 245 18.50 7.43 -1.40
N VAL B 246 18.07 6.26 -0.94
CA VAL B 246 17.26 5.40 -1.78
C VAL B 246 15.89 6.05 -1.89
N LEU B 247 15.39 6.59 -0.76
CA LEU B 247 14.08 7.26 -0.78
C LEU B 247 14.11 8.43 -1.75
N LYS B 248 15.18 9.20 -1.74
CA LYS B 248 15.28 10.30 -2.69
C LYS B 248 15.41 9.78 -4.12
N SER B 249 16.22 8.74 -4.31
CA SER B 249 16.41 8.19 -5.66
C SER B 249 15.08 7.75 -6.25
N GLN B 250 14.18 7.20 -5.43
CA GLN B 250 12.85 6.79 -5.89
C GLN B 250 12.08 7.99 -6.53
N GLY B 251 12.38 9.19 -6.05
CA GLY B 251 11.76 10.38 -6.60
C GLY B 251 12.39 10.81 -7.93
N GLY B 252 13.26 9.97 -8.51
CA GLY B 252 13.88 10.26 -9.80
C GLY B 252 15.21 10.97 -9.80
N ASP B 253 15.66 11.34 -8.61
CA ASP B 253 16.91 12.09 -8.52
C ASP B 253 18.17 11.25 -8.19
N GLY B 254 18.86 10.75 -9.22
CA GLY B 254 20.06 9.96 -9.01
C GLY B 254 19.92 8.53 -8.50
N TYR B 255 21.06 7.92 -8.14
CA TYR B 255 21.09 6.56 -7.62
C TYR B 255 21.94 6.42 -6.36
N TYR B 256 22.42 5.22 -6.06
CA TYR B 256 23.15 4.97 -4.81
C TYR B 256 23.97 3.69 -4.98
N GLY B 257 24.87 3.42 -4.03
CA GLY B 257 25.70 2.23 -4.03
C GLY B 257 25.37 1.31 -2.85
N ARG B 258 26.33 0.47 -2.46
CA ARG B 258 26.12 -0.52 -1.40
C ARG B 258 25.88 0.08 -0.04
N GLU B 259 26.19 1.37 0.11
CA GLU B 259 25.96 2.07 1.36
C GLU B 259 24.52 1.94 1.82
N CYS B 260 23.59 1.71 0.90
CA CYS B 260 22.20 1.53 1.30
C CYS B 260 22.01 0.27 2.14
N ASP B 261 22.82 -0.76 1.89
CA ASP B 261 22.71 -2.00 2.65
C ASP B 261 23.28 -1.80 4.06
N TRP B 262 24.31 -0.95 4.20
CA TRP B 262 24.89 -0.72 5.52
C TRP B 262 23.95 0.08 6.39
N TRP B 263 23.20 1.01 5.79
CA TRP B 263 22.17 1.69 6.55
C TRP B 263 21.22 0.61 7.18
N SER B 264 20.79 -0.37 6.36
CA SER B 264 19.90 -1.44 6.79
C SER B 264 20.45 -2.18 7.99
N VAL B 265 21.76 -2.42 8.00
CA VAL B 265 22.39 -3.10 9.13
C VAL B 265 22.23 -2.29 10.42
N GLY B 266 22.33 -0.96 10.31
CA GLY B 266 22.18 -0.07 11.46
C GLY B 266 20.78 -0.19 11.99
N VAL B 267 19.79 -0.18 11.11
CA VAL B 267 18.42 -0.32 11.53
C VAL B 267 18.17 -1.66 12.22
N PHE B 268 18.80 -2.70 11.68
CA PHE B 268 18.67 -4.05 12.18
C PHE B 268 19.25 -4.14 13.57
N LEU B 269 20.46 -3.60 13.72
CA LEU B 269 21.15 -3.64 15.01
C LEU B 269 20.38 -2.85 16.06
N PHE B 270 19.80 -1.73 15.63
CA PHE B 270 19.00 -0.95 16.56
C PHE B 270 17.78 -1.77 16.96
N GLU B 271 17.04 -2.30 15.99
CA GLU B 271 15.85 -3.08 16.34
C GLU B 271 16.14 -4.23 17.30
N MET B 272 17.25 -4.94 17.07
CA MET B 272 17.58 -6.04 17.96
C MET B 272 17.82 -5.63 19.39
N LEU B 273 18.60 -4.58 19.60
CA LEU B 273 18.88 -4.17 20.96
C LEU B 273 17.75 -3.36 21.59
N VAL B 274 16.95 -2.67 20.78
CA VAL B 274 15.89 -1.81 21.32
C VAL B 274 14.49 -2.37 21.33
N GLY B 275 14.18 -3.23 20.36
CA GLY B 275 12.85 -3.81 20.35
C GLY B 275 11.99 -3.29 19.20
N ASP B 276 12.28 -2.08 18.73
CA ASP B 276 11.52 -1.52 17.63
C ASP B 276 12.47 -0.89 16.62
N THR B 277 11.96 -0.62 15.41
CA THR B 277 12.83 0.00 14.42
C THR B 277 12.99 1.47 14.79
N PRO B 278 14.18 2.03 14.53
CA PRO B 278 14.42 3.44 14.89
C PRO B 278 13.49 4.48 14.30
N PHE B 279 12.87 4.17 13.16
CA PHE B 279 11.97 5.12 12.47
C PHE B 279 10.55 4.59 12.27
N TYR B 280 10.13 3.72 13.20
CA TYR B 280 8.79 3.14 13.23
C TYR B 280 7.74 4.24 13.38
N ALA B 281 6.60 4.06 12.74
CA ALA B 281 5.52 5.02 12.83
C ALA B 281 4.26 4.31 12.35
N ASP B 282 3.11 4.58 12.96
CA ASP B 282 1.91 3.87 12.54
C ASP B 282 1.47 4.11 11.12
N SER B 283 2.18 4.93 10.37
CA SER B 283 1.78 5.14 9.00
C SER B 283 3.00 5.12 8.11
N LEU B 284 2.82 4.83 6.83
CA LEU B 284 3.98 4.80 5.95
C LEU B 284 4.63 6.18 5.79
N VAL B 285 3.81 7.20 5.55
CA VAL B 285 4.32 8.55 5.37
C VAL B 285 4.97 9.02 6.65
N GLY B 286 4.57 8.40 7.76
CA GLY B 286 5.11 8.76 9.05
C GLY B 286 6.54 8.27 9.19
N THR B 287 6.77 7.07 8.67
CA THR B 287 8.09 6.45 8.67
C THR B 287 9.00 7.16 7.66
N TYR B 288 8.44 7.40 6.48
CA TYR B 288 9.15 8.10 5.43
C TYR B 288 9.76 9.39 6.01
N SER B 289 8.91 10.19 6.62
CA SER B 289 9.31 11.46 7.17
C SER B 289 10.39 11.36 8.23
N LYS B 290 10.27 10.37 9.09
CA LYS B 290 11.24 10.20 10.15
C LYS B 290 12.58 9.82 9.56
N ILE B 291 12.57 9.03 8.49
CA ILE B 291 13.84 8.62 7.90
C ILE B 291 14.52 9.82 7.26
N MET B 292 13.78 10.59 6.49
CA MET B 292 14.37 11.75 5.86
C MET B 292 14.90 12.73 6.91
N ASP B 293 14.44 12.61 8.14
CA ASP B 293 14.89 13.54 9.18
C ASP B 293 15.61 12.79 10.29
N HIS B 294 16.36 11.75 9.89
CA HIS B 294 17.06 10.89 10.84
C HIS B 294 17.98 11.65 11.79
N LYS B 295 18.50 12.79 11.34
CA LYS B 295 19.34 13.60 12.20
C LYS B 295 18.64 13.96 13.52
N ASN B 296 17.35 14.30 13.47
CA ASN B 296 16.60 14.65 14.67
C ASN B 296 15.70 13.54 15.19
N SER B 297 15.27 12.65 14.30
CA SER B 297 14.38 11.56 14.70
C SER B 297 15.06 10.35 15.31
N LEU B 298 16.35 10.15 15.06
CA LEU B 298 17.02 8.99 15.66
C LEU B 298 17.14 9.21 17.15
N CYS B 299 16.63 8.28 17.94
CA CYS B 299 16.67 8.48 19.38
C CYS B 299 16.70 7.17 20.17
N PHE B 300 17.54 7.11 21.19
CA PHE B 300 17.65 5.93 22.05
C PHE B 300 16.92 6.06 23.37
N PRO B 301 16.01 5.12 23.66
CA PRO B 301 15.24 5.13 24.90
C PRO B 301 16.21 5.07 26.08
N GLU B 302 15.89 5.77 27.16
CA GLU B 302 16.76 5.78 28.35
C GLU B 302 16.86 4.35 28.90
N ASP B 303 15.72 3.68 28.94
CA ASP B 303 15.65 2.31 29.46
C ASP B 303 16.45 1.28 28.69
N ALA B 304 16.47 1.40 27.37
CA ALA B 304 17.24 0.47 26.53
C ALA B 304 18.69 0.68 26.93
N GLU B 305 19.30 -0.36 27.49
CA GLU B 305 20.66 -0.21 27.97
C GLU B 305 21.65 -0.64 26.92
N ILE B 306 22.01 0.31 26.05
CA ILE B 306 22.88 0.06 24.92
C ILE B 306 24.28 0.44 25.28
N SER B 307 25.23 -0.44 25.03
CA SER B 307 26.61 -0.11 25.32
C SER B 307 27.12 1.03 24.43
N LYS B 308 28.24 1.60 24.85
CA LYS B 308 28.85 2.73 24.15
C LYS B 308 29.23 2.38 22.70
N HIS B 309 29.82 1.20 22.52
CA HIS B 309 30.24 0.73 21.20
C HIS B 309 29.03 0.45 20.30
N ALA B 310 28.00 -0.12 20.90
CA ALA B 310 26.76 -0.44 20.19
C ALA B 310 26.10 0.83 19.66
N LYS B 311 26.04 1.91 20.48
CA LYS B 311 25.48 3.17 20.02
C LYS B 311 26.35 3.74 18.93
N ASN B 312 27.66 3.71 19.15
CA ASN B 312 28.57 4.27 18.17
C ASN B 312 28.40 3.68 16.77
N LEU B 313 28.31 2.35 16.71
CA LEU B 313 28.18 1.64 15.46
C LEU B 313 26.86 1.96 14.81
N ILE B 314 25.79 1.83 15.60
CA ILE B 314 24.47 2.16 15.10
C ILE B 314 24.50 3.57 14.51
N CYS B 315 25.04 4.54 15.26
CA CYS B 315 25.15 5.90 14.73
C CYS B 315 26.10 5.99 13.53
N ALA B 316 27.15 5.18 13.50
CA ALA B 316 28.07 5.23 12.36
C ALA B 316 27.39 4.74 11.08
N PHE B 317 26.39 3.86 11.19
CA PHE B 317 25.68 3.40 10.00
C PHE B 317 24.51 4.34 9.66
N LEU B 318 23.83 4.85 10.68
CA LEU B 318 22.70 5.71 10.43
C LEU B 318 23.07 7.17 10.26
N THR B 319 23.84 7.49 9.23
CA THR B 319 24.22 8.87 8.98
C THR B 319 24.14 9.05 7.48
N ASP B 320 24.44 10.23 6.97
CA ASP B 320 24.41 10.48 5.54
C ASP B 320 25.46 9.61 4.92
N ARG B 321 25.21 9.26 3.67
CA ARG B 321 26.10 8.39 3.00
C ARG B 321 27.54 8.88 2.93
N GLU B 322 27.72 10.18 2.75
CA GLU B 322 29.05 10.75 2.62
C GLU B 322 30.03 10.35 3.70
N VAL B 323 29.53 10.18 4.91
CA VAL B 323 30.38 9.80 6.04
C VAL B 323 30.00 8.48 6.71
N ARG B 324 29.17 7.68 6.06
CA ARG B 324 28.70 6.42 6.65
C ARG B 324 29.79 5.38 6.70
N LEU B 325 29.82 4.63 7.81
CA LEU B 325 30.78 3.56 8.00
C LEU B 325 30.53 2.54 6.87
N GLY B 326 31.62 2.14 6.21
CA GLY B 326 31.52 1.21 5.09
C GLY B 326 31.92 1.85 3.76
N ARG B 327 31.95 3.17 3.74
CA ARG B 327 32.33 3.96 2.58
C ARG B 327 33.72 3.61 2.08
N ASN B 328 34.58 3.10 2.96
CA ASN B 328 35.93 2.68 2.57
C ASN B 328 36.04 1.15 2.52
N GLY B 329 34.94 0.46 2.24
CA GLY B 329 34.97 -0.99 2.22
C GLY B 329 34.56 -1.58 3.55
N VAL B 330 34.47 -2.90 3.61
CA VAL B 330 34.00 -3.58 4.82
C VAL B 330 34.98 -3.66 5.95
N GLU B 331 36.25 -3.60 5.55
CA GLU B 331 37.33 -3.75 6.50
C GLU B 331 37.19 -2.79 7.69
N GLU B 332 36.83 -1.55 7.43
CA GLU B 332 36.67 -0.58 8.50
C GLU B 332 35.43 -0.86 9.36
N ILE B 333 34.52 -1.70 8.87
CA ILE B 333 33.31 -2.07 9.60
C ILE B 333 33.70 -3.20 10.51
N LYS B 334 34.46 -4.14 9.97
CA LYS B 334 34.88 -5.28 10.79
C LYS B 334 35.80 -4.85 11.93
N GLN B 335 36.52 -3.75 11.76
CA GLN B 335 37.43 -3.28 12.78
C GLN B 335 36.77 -2.45 13.83
N HIS B 336 35.46 -2.34 13.76
CA HIS B 336 34.79 -1.55 14.78
C HIS B 336 34.83 -2.26 16.15
N PRO B 337 35.08 -1.50 17.24
CA PRO B 337 35.16 -1.99 18.64
C PRO B 337 33.98 -2.84 19.10
N PHE B 338 32.78 -2.57 18.59
CA PHE B 338 31.61 -3.37 18.95
C PHE B 338 31.84 -4.86 18.65
N PHE B 339 32.57 -5.17 17.59
CA PHE B 339 32.83 -6.56 17.19
C PHE B 339 33.93 -7.29 17.98
N LYS B 340 34.63 -6.58 18.85
CA LYS B 340 35.63 -7.26 19.68
C LYS B 340 34.93 -8.19 20.69
N ASN B 341 35.32 -9.47 20.69
CA ASN B 341 34.73 -10.49 21.58
C ASN B 341 35.73 -11.67 21.66
N ASP B 342 35.49 -12.62 22.55
CA ASP B 342 36.44 -13.72 22.68
C ASP B 342 35.86 -15.09 22.35
N GLN B 343 34.68 -15.06 21.72
CA GLN B 343 33.94 -16.24 21.33
C GLN B 343 34.23 -16.58 19.88
N TRP B 344 34.31 -15.58 19.01
CA TRP B 344 34.60 -15.85 17.60
C TRP B 344 35.42 -14.74 16.92
N ASN B 345 35.92 -15.06 15.73
CA ASN B 345 36.63 -14.07 14.92
C ASN B 345 35.99 -14.01 13.51
N TRP B 346 36.43 -13.08 12.66
CA TRP B 346 35.84 -12.92 11.33
C TRP B 346 36.11 -14.06 10.39
N ASP B 347 37.04 -14.92 10.76
CA ASP B 347 37.36 -16.06 9.93
C ASP B 347 36.63 -17.32 10.31
N ASN B 348 36.31 -17.49 11.58
CA ASN B 348 35.70 -18.74 11.96
C ASN B 348 34.33 -18.60 12.58
N ILE B 349 33.72 -17.43 12.51
CA ILE B 349 32.43 -17.24 13.16
C ILE B 349 31.37 -18.26 12.78
N ARG B 350 31.35 -18.66 11.51
CA ARG B 350 30.33 -19.59 11.09
C ARG B 350 30.64 -21.01 11.48
N GLU B 351 31.78 -21.22 12.13
CA GLU B 351 32.17 -22.56 12.58
C GLU B 351 32.09 -22.61 14.11
N THR B 352 31.46 -21.61 14.73
CA THR B 352 31.36 -21.61 16.18
C THR B 352 29.91 -21.83 16.59
N ALA B 353 29.68 -21.99 17.87
CA ALA B 353 28.35 -22.27 18.38
C ALA B 353 27.44 -21.07 18.32
N ALA B 354 26.33 -21.20 17.61
CA ALA B 354 25.37 -20.13 17.48
C ALA B 354 24.54 -19.88 18.75
N PRO B 355 24.04 -18.64 18.92
CA PRO B 355 23.24 -18.30 20.10
C PRO B 355 22.03 -19.20 20.26
N VAL B 356 21.33 -19.43 19.16
CA VAL B 356 20.14 -20.29 19.15
C VAL B 356 20.24 -21.40 18.11
N VAL B 357 20.44 -22.63 18.58
CA VAL B 357 20.51 -23.80 17.69
C VAL B 357 19.13 -24.50 17.75
N PRO B 358 18.36 -24.46 16.62
CA PRO B 358 17.03 -25.07 16.53
C PRO B 358 16.85 -26.53 16.94
N GLU B 359 15.84 -26.80 17.78
CA GLU B 359 15.50 -28.17 18.22
C GLU B 359 14.33 -28.61 17.34
N LEU B 360 14.54 -29.61 16.50
CA LEU B 360 13.48 -29.99 15.58
C LEU B 360 13.09 -31.45 15.78
N SER B 361 11.79 -31.72 15.83
CA SER B 361 11.32 -33.08 16.11
C SER B 361 11.22 -34.02 14.93
N SER B 362 11.23 -33.44 13.71
CA SER B 362 11.19 -34.15 12.42
C SER B 362 11.66 -33.25 11.29
N ASP B 363 11.88 -33.84 10.12
CA ASP B 363 12.34 -33.10 8.97
C ASP B 363 11.33 -32.16 8.35
N ILE B 364 10.09 -32.20 8.82
CA ILE B 364 9.08 -31.26 8.32
C ILE B 364 8.58 -30.38 9.47
N ASP B 365 9.34 -30.35 10.55
CA ASP B 365 8.97 -29.53 11.66
C ASP B 365 9.12 -28.09 11.16
N SER B 366 8.03 -27.34 11.17
CA SER B 366 8.09 -25.95 10.76
C SER B 366 7.59 -25.05 11.88
N SER B 367 7.92 -25.43 13.12
CA SER B 367 7.50 -24.66 14.28
C SER B 367 8.12 -23.25 14.34
N ASN B 368 9.24 -23.01 13.66
CA ASN B 368 9.83 -21.66 13.68
C ASN B 368 9.24 -20.73 12.61
N PHE B 369 8.16 -21.17 11.97
CA PHE B 369 7.53 -20.38 10.94
C PHE B 369 6.09 -20.17 11.28
N ASP B 370 5.60 -18.96 11.07
CA ASP B 370 4.21 -18.68 11.35
C ASP B 370 3.36 -19.47 10.39
N ASP B 371 2.09 -19.65 10.71
CA ASP B 371 1.22 -20.37 9.80
C ASP B 371 0.67 -19.45 8.72
N ILE B 372 0.33 -20.04 7.58
CA ILE B 372 -0.30 -19.30 6.49
C ILE B 372 -1.54 -20.07 5.96
N THR B 381 -4.44 -16.13 -15.41
CA THR B 381 -3.92 -16.90 -16.54
C THR B 381 -3.99 -16.24 -17.95
N PHE B 382 -2.97 -16.47 -18.80
CA PHE B 382 -2.89 -15.93 -20.18
C PHE B 382 -4.10 -16.15 -21.09
N PRO B 383 -4.46 -15.13 -21.87
CA PRO B 383 -5.60 -15.23 -22.78
C PRO B 383 -5.09 -15.84 -24.10
N ILE B 384 -5.86 -16.77 -24.69
CA ILE B 384 -5.47 -17.39 -25.94
C ILE B 384 -5.20 -16.26 -26.94
N PRO B 385 -3.92 -16.17 -27.43
CA PRO B 385 -3.55 -15.11 -28.35
C PRO B 385 -4.03 -15.20 -29.79
N LYS B 386 -4.06 -14.03 -30.45
CA LYS B 386 -4.57 -13.90 -31.82
C LYS B 386 -3.45 -14.16 -32.81
N ALA B 387 -2.37 -13.43 -32.62
CA ALA B 387 -1.15 -13.59 -33.40
C ALA B 387 -0.05 -14.06 -32.42
N PHE B 388 1.17 -14.31 -32.91
CA PHE B 388 2.29 -14.73 -32.05
C PHE B 388 2.56 -13.65 -30.98
N VAL B 389 2.63 -14.07 -29.72
CA VAL B 389 2.90 -13.12 -28.64
C VAL B 389 4.19 -13.45 -27.90
N GLY B 390 4.53 -14.74 -27.86
CA GLY B 390 5.75 -15.20 -27.20
C GLY B 390 5.77 -14.96 -25.69
N ASN B 391 4.73 -15.41 -24.99
CA ASN B 391 4.69 -15.19 -23.56
C ASN B 391 5.65 -16.11 -22.82
N GLN B 392 6.01 -17.23 -23.42
CA GLN B 392 6.97 -18.12 -22.79
C GLN B 392 8.43 -17.73 -23.07
N LEU B 393 8.68 -16.94 -24.10
CA LEU B 393 10.04 -16.53 -24.44
C LEU B 393 10.85 -15.92 -23.31
N PRO B 394 10.22 -15.10 -22.46
CA PRO B 394 11.05 -14.51 -21.39
C PRO B 394 11.60 -15.53 -20.41
N PHE B 395 11.05 -16.74 -20.41
CA PHE B 395 11.50 -17.75 -19.45
C PHE B 395 12.44 -18.81 -19.96
N ILE B 396 12.84 -18.73 -21.22
CA ILE B 396 13.78 -19.67 -21.79
C ILE B 396 15.12 -19.48 -21.06
N GLY B 397 15.71 -20.57 -20.59
CA GLY B 397 16.97 -20.46 -19.87
C GLY B 397 16.79 -20.48 -18.35
N PHE B 398 15.57 -20.59 -17.88
CA PHE B 398 15.38 -20.56 -16.44
C PHE B 398 15.68 -21.90 -15.78
N THR B 399 15.37 -22.99 -16.48
CA THR B 399 15.57 -24.34 -15.95
C THR B 399 17.02 -24.51 -15.55
N TYR B 400 17.24 -25.22 -14.45
CA TYR B 400 18.58 -25.42 -13.94
C TYR B 400 18.60 -26.69 -13.11
N TYR B 401 19.60 -27.54 -13.38
CA TYR B 401 19.83 -28.80 -12.67
C TYR B 401 21.29 -28.75 -12.23
N ARG B 402 21.51 -28.97 -10.94
CA ARG B 402 22.86 -28.92 -10.37
C ARG B 402 23.60 -30.23 -10.68
#